data_1X8K
#
_entry.id   1X8K
#
_cell.length_a   81.286
_cell.length_b   66.661
_cell.length_c   84.464
_cell.angle_alpha   90.00
_cell.angle_beta   110.66
_cell.angle_gamma   90.00
#
_symmetry.space_group_name_H-M   'P 1 21 1'
#
loop_
_entity.id
_entity.type
_entity.pdbx_description
1 polymer 'retinol dehydratase'
2 non-polymer 'ETHYL MERCURY ION'
3 non-polymer 'CALCIUM ION'
4 non-polymer ANHYDRORETINOL
5 non-polymer "ADENOSINE-3'-5'-DIPHOSPHATE"
6 water water
#
_entity_poly.entity_id   1
_entity_poly.type   'polypeptide(L)'
_entity_poly.pdbx_seq_one_letter_code
;MEKQQDLPFPYEFRELNPEEDKLVKANLGAFPTTYVKLGPKGYMVYRPYLKDAANIYNMPLRPTDVFVASYQRSGTTMTQ
ELVWLIENDLNFEAAKTYMSLRYIYLDGFMIYDPEKQEEYNDILPNPENLDMERYLGLLEYSSRPGSSLLAAVPPTEKRF
VKTHLPLSLMPPNMLDTVKMVYLARDPRDVAVSSFHHARLLYLLNKQSNFKDFWEMFHRGLYTLTPYFEHVKEAWAKRHD
PNMLFLFYEDYLKDLPGSIARIADFLGKKLSEEQIQRLSEHLNFEKFKNNGAVNMEDYREIGILADGEHFIRKGKAGCWR
DYFDEEMTKQAEKWIKDNLKDTDLRYPNMEL
;
_entity_poly.pdbx_strand_id   A,B
#
loop_
_chem_comp.id
_chem_comp.type
_chem_comp.name
_chem_comp.formula
A3P RNA linking ADENOSINE-3'-5'-DIPHOSPHATE 'C10 H15 N5 O10 P2'
ANR non-polymer ANHYDRORETINOL 'C20 H28'
CA non-polymer 'CALCIUM ION' 'Ca 2'
EMC non-polymer 'ETHYL MERCURY ION' 'C2 H5 Hg 1'
#
# COMPACT_ATOMS: atom_id res chain seq x y z
N ASP A 6 15.09 -1.81 39.01
CA ASP A 6 16.33 -1.05 38.64
C ASP A 6 16.05 0.09 37.62
N LEU A 7 17.12 0.70 37.06
CA LEU A 7 17.10 1.74 36.00
C LEU A 7 15.77 1.93 35.22
N PRO A 8 15.30 3.17 35.12
CA PRO A 8 14.11 3.45 34.28
C PRO A 8 14.45 3.19 32.80
N PHE A 9 13.47 2.70 32.05
CA PHE A 9 13.62 2.46 30.62
C PHE A 9 13.58 3.80 29.85
N PRO A 10 14.72 4.24 29.31
CA PRO A 10 14.84 5.59 28.75
C PRO A 10 14.09 5.83 27.43
N TYR A 11 13.36 4.86 26.91
CA TYR A 11 12.78 4.98 25.57
C TYR A 11 11.27 5.13 25.51
N GLU A 12 10.85 5.99 24.60
CA GLU A 12 9.44 6.13 24.28
C GLU A 12 9.20 5.25 23.06
N PHE A 13 7.93 5.02 22.75
CA PHE A 13 7.55 4.41 21.49
C PHE A 13 6.50 5.24 20.74
N ARG A 14 6.48 5.09 19.42
CA ARG A 14 5.44 5.71 18.60
C ARG A 14 4.84 4.71 17.66
N GLU A 15 3.55 4.87 17.41
CA GLU A 15 2.91 4.15 16.33
C GLU A 15 3.44 4.67 15.02
N LEU A 16 3.21 3.87 13.98
CA LEU A 16 3.57 4.25 12.64
C LEU A 16 2.57 5.28 12.21
N ASN A 17 3.01 6.20 11.36
CA ASN A 17 2.13 7.19 10.76
C ASN A 17 1.40 6.57 9.57
N PRO A 18 0.43 7.27 9.00
CA PRO A 18 -0.27 6.80 7.80
C PRO A 18 0.57 6.18 6.68
N GLU A 19 1.74 6.73 6.35
CA GLU A 19 2.49 6.17 5.20
C GLU A 19 3.18 4.89 5.59
N GLU A 20 3.84 4.92 6.74
CA GLU A 20 4.54 3.75 7.26
C GLU A 20 3.55 2.61 7.43
N ASP A 21 2.39 2.92 8.01
CA ASP A 21 1.34 1.93 8.25
C ASP A 21 0.87 1.32 6.92
N LYS A 22 0.51 2.18 5.96
CA LYS A 22 0.12 1.83 4.59
C LYS A 22 1.05 0.79 3.98
N LEU A 23 2.36 0.99 4.10
CA LEU A 23 3.37 0.11 3.52
C LEU A 23 3.44 -1.23 4.23
N VAL A 24 3.59 -1.20 5.54
CA VAL A 24 3.66 -2.42 6.33
C VAL A 24 2.38 -3.22 6.10
N LYS A 25 1.22 -2.61 6.34
CA LYS A 25 -0.06 -3.31 6.15
C LYS A 25 -0.16 -3.98 4.78
N ALA A 26 0.41 -3.36 3.74
CA ALA A 26 0.40 -3.94 2.39
C ALA A 26 1.15 -5.28 2.29
N ASN A 27 2.23 -5.41 3.05
CA ASN A 27 3.09 -6.60 2.98
C ASN A 27 2.95 -7.62 4.11
N LEU A 28 2.61 -7.17 5.31
CA LEU A 28 2.56 -8.04 6.49
C LEU A 28 1.19 -8.03 7.18
N GLY A 29 0.21 -7.45 6.50
CA GLY A 29 -1.11 -7.19 7.06
C GLY A 29 -1.82 -8.41 7.60
N ALA A 30 -1.73 -9.52 6.87
CA ALA A 30 -2.40 -10.76 7.26
C ALA A 30 -1.91 -11.22 8.61
N PHE A 31 -0.61 -11.03 8.86
CA PHE A 31 -0.02 -11.38 10.14
C PHE A 31 -0.61 -10.54 11.27
N PRO A 32 -1.18 -11.22 12.25
CA PRO A 32 -1.85 -10.56 13.37
C PRO A 32 -0.97 -9.61 14.17
N THR A 33 0.32 -9.88 14.33
CA THR A 33 1.18 -9.02 15.17
C THR A 33 1.63 -7.76 14.48
N THR A 34 1.43 -6.64 15.16
CA THR A 34 1.64 -5.29 14.64
C THR A 34 2.87 -4.70 15.27
N TYR A 35 3.40 -3.63 14.64
CA TYR A 35 4.69 -3.03 15.02
C TYR A 35 4.56 -1.71 15.78
N VAL A 36 5.65 -1.34 16.41
CA VAL A 36 5.78 -0.04 17.04
C VAL A 36 7.25 0.39 16.86
N LYS A 37 7.48 1.69 16.71
CA LYS A 37 8.84 2.17 16.55
C LYS A 37 9.35 2.48 17.93
N LEU A 38 10.54 1.99 18.27
CA LEU A 38 11.02 2.08 19.65
C LEU A 38 12.34 2.81 19.75
N GLY A 39 12.36 3.85 20.57
CA GLY A 39 13.56 4.62 20.87
C GLY A 39 13.83 5.70 19.86
N PRO A 40 14.92 6.45 20.04
CA PRO A 40 15.24 7.60 19.20
C PRO A 40 15.68 7.23 17.79
N LYS A 41 16.05 5.97 17.58
CA LYS A 41 16.43 5.48 16.25
C LYS A 41 15.27 4.81 15.50
N GLY A 42 14.16 4.57 16.19
CA GLY A 42 12.94 4.05 15.59
C GLY A 42 13.03 2.59 15.18
N TYR A 43 13.56 1.75 16.06
CA TYR A 43 13.71 0.35 15.76
C TYR A 43 12.34 -0.26 15.77
N MET A 44 12.07 -1.03 14.72
CA MET A 44 10.82 -1.72 14.57
C MET A 44 10.80 -2.89 15.51
N VAL A 45 9.85 -2.89 16.44
CA VAL A 45 9.60 -4.06 17.27
C VAL A 45 8.15 -4.47 17.15
N TYR A 46 7.87 -5.72 17.46
CA TYR A 46 6.49 -6.18 17.53
C TYR A 46 5.92 -5.65 18.85
N ARG A 47 4.65 -5.29 18.83
CA ARG A 47 4.02 -4.68 19.98
C ARG A 47 4.14 -5.45 21.32
N PRO A 48 4.03 -6.78 21.30
CA PRO A 48 4.30 -7.56 22.50
C PRO A 48 5.69 -7.31 23.07
N TYR A 49 6.61 -6.70 22.30
CA TYR A 49 7.95 -6.48 22.84
C TYR A 49 7.88 -5.50 24.00
N LEU A 50 6.87 -4.63 24.00
CA LEU A 50 6.79 -3.57 24.97
C LEU A 50 6.67 -4.05 26.41
N LYS A 51 5.87 -5.10 26.65
CA LYS A 51 5.68 -5.61 28.03
C LYS A 51 6.98 -6.01 28.76
N ASP A 52 7.97 -6.42 27.97
CA ASP A 52 9.26 -6.88 28.46
C ASP A 52 10.44 -5.97 28.12
N ALA A 53 10.16 -4.78 27.59
CA ALA A 53 11.23 -3.87 27.15
C ALA A 53 12.08 -3.40 28.32
N ALA A 54 11.40 -2.97 29.39
CA ALA A 54 12.08 -2.53 30.60
C ALA A 54 12.82 -3.67 31.33
N ASN A 55 12.36 -4.92 31.20
CA ASN A 55 13.03 -6.03 31.90
C ASN A 55 14.37 -6.45 31.29
N ILE A 56 14.40 -6.56 29.96
CA ILE A 56 15.62 -6.84 29.16
C ILE A 56 16.67 -5.74 29.35
N TYR A 57 16.23 -4.49 29.31
CA TYR A 57 17.14 -3.38 29.55
C TYR A 57 17.85 -3.59 30.88
N ASN A 58 17.12 -4.12 31.86
CA ASN A 58 17.62 -4.33 33.21
C ASN A 58 17.85 -5.81 33.57
N MET A 59 18.08 -6.66 32.57
CA MET A 59 18.34 -8.07 32.85
C MET A 59 19.68 -8.31 33.60
N PRO A 60 19.63 -9.06 34.70
CA PRO A 60 20.84 -9.51 35.40
C PRO A 60 21.71 -10.39 34.53
N LEU A 61 23.00 -10.03 34.42
CA LEU A 61 23.95 -10.79 33.59
C LEU A 61 25.03 -11.44 34.44
N ARG A 62 25.64 -12.49 33.90
CA ARG A 62 26.59 -13.32 34.65
C ARG A 62 27.87 -13.48 33.85
N PRO A 63 29.02 -13.59 34.53
CA PRO A 63 30.31 -13.59 33.84
C PRO A 63 30.51 -14.77 32.87
N THR A 64 29.65 -15.79 32.92
CA THR A 64 29.77 -16.92 31.99
C THR A 64 28.75 -16.88 30.85
N ASP A 65 27.87 -15.87 30.84
CA ASP A 65 26.94 -15.67 29.73
C ASP A 65 27.69 -15.46 28.43
N VAL A 66 27.32 -16.17 27.38
CA VAL A 66 27.81 -15.86 26.05
C VAL A 66 26.63 -15.46 25.19
N PHE A 67 26.75 -14.35 24.47
CA PHE A 67 25.67 -13.90 23.59
C PHE A 67 26.08 -14.06 22.15
N VAL A 68 25.13 -14.51 21.32
CA VAL A 68 25.27 -14.44 19.87
C VAL A 68 24.21 -13.50 19.30
N ALA A 69 24.67 -12.42 18.67
CA ALA A 69 23.81 -11.32 18.21
C ALA A 69 23.97 -11.07 16.72
N SER A 70 23.07 -10.27 16.16
CA SER A 70 23.02 -10.09 14.73
C SER A 70 21.73 -9.40 14.35
N TYR A 71 21.75 -8.62 13.28
CA TYR A 71 20.49 -8.43 12.58
C TYR A 71 20.14 -9.85 12.07
N GLN A 72 18.85 -10.21 12.05
CA GLN A 72 18.46 -11.56 11.62
C GLN A 72 19.02 -11.97 10.25
N ARG A 73 19.15 -13.27 10.03
CA ARG A 73 19.58 -13.89 8.74
C ARG A 73 20.99 -13.55 8.30
N SER A 74 21.85 -13.26 9.28
CA SER A 74 23.25 -12.89 9.07
C SER A 74 24.26 -14.01 9.40
N GLY A 75 23.82 -15.13 9.97
CA GLY A 75 24.75 -16.18 10.35
C GLY A 75 24.70 -16.60 11.82
N THR A 76 23.58 -16.26 12.47
CA THR A 76 23.33 -16.62 13.87
C THR A 76 23.49 -18.11 14.11
N THR A 77 22.73 -18.92 13.36
CA THR A 77 22.68 -20.39 13.53
C THR A 77 24.04 -21.06 13.44
N MET A 78 24.81 -20.75 12.41
CA MET A 78 26.22 -21.15 12.29
C MET A 78 27.04 -20.83 13.54
N THR A 79 27.00 -19.55 13.90
CA THR A 79 27.79 -19.08 15.01
C THR A 79 27.38 -19.85 16.26
N GLN A 80 26.10 -19.77 16.64
CA GLN A 80 25.56 -20.52 17.76
C GLN A 80 26.12 -21.94 17.86
N GLU A 81 26.05 -22.67 16.75
CA GLU A 81 26.57 -24.03 16.74
C GLU A 81 28.07 -24.04 17.07
N LEU A 82 28.86 -23.21 16.39
CA LEU A 82 30.31 -23.08 16.64
C LEU A 82 30.62 -22.73 18.10
N VAL A 83 30.02 -21.64 18.56
CA VAL A 83 30.22 -21.15 19.93
C VAL A 83 29.88 -22.20 20.96
N TRP A 84 28.74 -22.87 20.76
CA TRP A 84 28.29 -23.89 21.69
C TRP A 84 29.25 -25.08 21.76
N LEU A 85 29.61 -25.62 20.60
CA LEU A 85 30.54 -26.74 20.58
C LEU A 85 31.88 -26.36 21.19
N ILE A 86 32.40 -25.18 20.84
CA ILE A 86 33.71 -24.73 21.34
C ILE A 86 33.74 -24.64 22.86
N GLU A 87 32.77 -23.95 23.43
CA GLU A 87 32.62 -23.86 24.87
C GLU A 87 32.35 -25.21 25.57
N ASN A 88 31.85 -26.19 24.82
CA ASN A 88 31.49 -27.48 25.40
C ASN A 88 32.45 -28.60 25.01
N ASP A 89 33.70 -28.20 24.73
CA ASP A 89 34.79 -29.13 24.42
C ASP A 89 34.41 -30.09 23.30
N LEU A 90 33.95 -29.51 22.18
CA LEU A 90 33.67 -30.25 20.97
C LEU A 90 32.93 -31.56 21.24
N ASN A 91 32.03 -31.51 22.22
CA ASN A 91 31.14 -32.62 22.52
C ASN A 91 30.00 -32.67 21.50
N PHE A 92 30.27 -33.23 20.34
CA PHE A 92 29.30 -33.29 19.25
C PHE A 92 27.99 -33.97 19.66
N GLU A 93 28.12 -35.14 20.27
CA GLU A 93 27.01 -35.95 20.77
C GLU A 93 25.95 -35.12 21.53
N ALA A 94 26.41 -34.28 22.45
CA ALA A 94 25.52 -33.49 23.28
C ALA A 94 24.89 -32.33 22.52
N ALA A 95 25.55 -31.94 21.43
CA ALA A 95 25.12 -30.85 20.56
C ALA A 95 23.94 -31.26 19.66
N LYS A 96 23.61 -32.55 19.71
CA LYS A 96 22.50 -33.12 18.95
C LYS A 96 21.11 -32.74 19.48
N THR A 97 21.03 -32.14 20.67
CA THR A 97 19.74 -31.63 21.12
C THR A 97 19.45 -30.36 20.32
N TYR A 98 18.18 -30.00 20.25
CA TYR A 98 17.74 -28.79 19.56
C TYR A 98 18.45 -27.53 20.05
N MET A 99 19.02 -26.81 19.09
CA MET A 99 19.50 -25.46 19.27
C MET A 99 18.56 -24.69 20.21
N SER A 100 17.26 -24.81 19.94
CA SER A 100 16.22 -24.02 20.63
C SER A 100 16.20 -24.27 22.13
N LEU A 101 16.69 -25.47 22.49
CA LEU A 101 16.81 -25.95 23.86
C LEU A 101 18.19 -25.67 24.44
N ARG A 102 19.16 -25.36 23.57
CA ARG A 102 20.53 -25.05 23.99
C ARG A 102 20.77 -23.56 24.14
N TYR A 103 20.04 -22.74 23.40
CA TYR A 103 20.10 -21.30 23.56
C TYR A 103 18.77 -20.74 24.03
N ILE A 104 18.81 -19.60 24.69
CA ILE A 104 17.58 -18.86 24.88
C ILE A 104 17.49 -17.78 23.80
N TYR A 105 16.31 -17.68 23.18
CA TYR A 105 16.05 -16.66 22.17
C TYR A 105 15.40 -15.47 22.87
N LEU A 106 16.25 -14.62 23.44
CA LEU A 106 15.84 -13.45 24.19
C LEU A 106 14.61 -12.71 23.70
N ASP A 107 14.57 -12.37 22.40
CA ASP A 107 13.51 -11.53 21.82
C ASP A 107 12.59 -12.28 20.88
N GLY A 108 12.68 -13.61 20.90
CA GLY A 108 11.81 -14.45 20.09
C GLY A 108 10.34 -14.34 20.52
N PHE A 109 10.12 -14.07 21.79
CA PHE A 109 8.78 -14.00 22.32
C PHE A 109 7.92 -12.95 21.63
N MET A 110 8.55 -11.87 21.14
CA MET A 110 7.82 -10.65 20.82
C MET A 110 6.91 -10.83 19.63
N ILE A 111 7.11 -11.90 18.87
CA ILE A 111 6.36 -12.13 17.63
C ILE A 111 4.91 -12.61 17.83
N TYR A 112 4.60 -13.07 19.03
CA TYR A 112 3.27 -13.64 19.34
C TYR A 112 2.57 -12.82 20.41
N ASP A 113 1.32 -12.46 20.13
CA ASP A 113 0.46 -11.68 21.04
C ASP A 113 -0.69 -12.58 21.54
N PRO A 114 -0.63 -13.09 22.78
CA PRO A 114 -1.63 -14.05 23.29
C PRO A 114 -3.07 -13.54 23.21
N GLU A 115 -3.22 -12.22 23.09
CA GLU A 115 -4.53 -11.58 22.94
C GLU A 115 -5.13 -11.95 21.57
N LYS A 116 -4.29 -12.42 20.66
CA LYS A 116 -4.74 -12.78 19.31
C LYS A 116 -4.51 -14.26 18.95
N GLN A 117 -4.42 -15.12 19.96
CA GLN A 117 -4.21 -16.55 19.72
C GLN A 117 -5.08 -17.09 18.58
N GLU A 118 -6.36 -16.71 18.57
CA GLU A 118 -7.33 -17.18 17.57
C GLU A 118 -6.93 -16.95 16.12
N GLU A 119 -6.05 -15.98 15.91
CA GLU A 119 -5.77 -15.46 14.56
C GLU A 119 -4.62 -16.15 13.84
N TYR A 120 -3.68 -16.72 14.58
CA TYR A 120 -2.48 -17.24 13.97
C TYR A 120 -2.66 -18.50 13.11
N ASN A 121 -3.63 -19.38 13.39
CA ASN A 121 -3.78 -20.50 12.46
C ASN A 121 -4.50 -20.10 11.16
N ASP A 122 -5.11 -18.92 11.17
CA ASP A 122 -5.86 -18.46 10.01
C ASP A 122 -4.88 -18.10 8.90
N ILE A 123 -3.64 -17.85 9.27
CA ILE A 123 -2.60 -17.52 8.29
C ILE A 123 -2.07 -18.76 7.52
N LEU A 124 -2.45 -19.96 7.99
CA LEU A 124 -2.00 -21.25 7.42
C LEU A 124 -2.98 -21.78 6.39
N PRO A 125 -2.45 -22.33 5.29
CA PRO A 125 -3.24 -23.05 4.28
C PRO A 125 -4.18 -24.04 4.93
N ASN A 126 -3.67 -24.87 5.84
CA ASN A 126 -4.52 -25.89 6.46
C ASN A 126 -4.46 -25.85 7.99
N PRO A 127 -5.30 -25.01 8.63
CA PRO A 127 -5.32 -24.94 10.09
C PRO A 127 -5.68 -26.32 10.70
N GLU A 128 -6.45 -27.10 9.93
CA GLU A 128 -7.01 -28.40 10.33
C GLU A 128 -6.02 -29.57 10.20
N ASN A 129 -4.73 -29.25 10.11
CA ASN A 129 -3.70 -30.27 9.97
C ASN A 129 -2.66 -30.19 11.07
N LEU A 130 -2.70 -29.07 11.78
CA LEU A 130 -1.80 -28.83 12.88
C LEU A 130 -1.81 -29.96 13.91
N ASP A 131 -0.67 -30.11 14.57
CA ASP A 131 -0.58 -30.93 15.73
C ASP A 131 -0.82 -29.99 16.90
N MET A 132 -2.00 -30.07 17.52
CA MET A 132 -2.39 -29.02 18.45
C MET A 132 -1.66 -29.09 19.78
N GLU A 133 -1.34 -30.29 20.28
CA GLU A 133 -0.52 -30.41 21.50
C GLU A 133 0.79 -29.66 21.30
N ARG A 134 1.40 -29.87 20.14
CA ARG A 134 2.68 -29.25 19.83
C ARG A 134 2.53 -27.78 19.50
N TYR A 135 1.55 -27.42 18.67
CA TYR A 135 1.36 -26.03 18.27
C TYR A 135 1.00 -25.13 19.45
N LEU A 136 0.11 -25.60 20.32
CA LEU A 136 -0.27 -24.84 21.50
C LEU A 136 0.88 -24.73 22.51
N GLY A 137 1.73 -25.77 22.58
CA GLY A 137 2.96 -25.70 23.33
C GLY A 137 3.85 -24.57 22.81
N LEU A 138 3.96 -24.46 21.48
CA LEU A 138 4.79 -23.42 20.90
C LEU A 138 4.28 -22.03 21.29
N LEU A 139 2.96 -21.89 21.29
CA LEU A 139 2.32 -20.61 21.57
C LEU A 139 2.51 -20.25 23.03
N GLU A 140 2.50 -21.28 23.88
CA GLU A 140 2.69 -21.07 25.30
C GLU A 140 4.12 -20.67 25.61
N TYR A 141 5.08 -21.28 24.91
CA TYR A 141 6.47 -20.93 25.11
C TYR A 141 6.71 -19.49 24.68
N SER A 142 6.23 -19.16 23.47
CA SER A 142 6.30 -17.79 22.94
C SER A 142 5.68 -16.72 23.84
N SER A 143 4.82 -17.15 24.77
CA SER A 143 4.20 -16.25 25.72
C SER A 143 5.13 -15.80 26.83
N ARG A 144 6.05 -16.67 27.25
CA ARG A 144 7.00 -16.33 28.30
C ARG A 144 7.97 -15.29 27.77
N PRO A 145 8.01 -14.11 28.38
CA PRO A 145 9.01 -13.12 28.01
C PRO A 145 10.44 -13.70 28.13
N GLY A 146 11.39 -13.09 27.43
CA GLY A 146 12.76 -13.61 27.34
C GLY A 146 13.55 -13.44 28.62
N SER A 147 13.37 -12.30 29.26
CA SER A 147 14.03 -12.03 30.52
C SER A 147 13.77 -13.13 31.54
N SER A 148 12.54 -13.68 31.54
CA SER A 148 12.14 -14.76 32.45
C SER A 148 12.89 -16.05 32.13
N LEU A 149 13.15 -16.27 30.84
CA LEU A 149 13.78 -17.50 30.42
C LEU A 149 15.23 -17.56 30.85
N LEU A 150 15.92 -16.42 30.73
CA LEU A 150 17.29 -16.26 31.21
C LEU A 150 17.31 -16.47 32.69
N ALA A 151 16.45 -15.76 33.40
CA ALA A 151 16.45 -15.75 34.85
C ALA A 151 16.27 -17.17 35.35
N ALA A 152 15.45 -17.95 34.63
CA ALA A 152 15.05 -19.32 34.99
C ALA A 152 16.25 -20.26 35.12
N VAL A 153 17.24 -20.05 34.25
CA VAL A 153 18.45 -20.85 34.18
C VAL A 153 19.28 -20.69 35.46
N PRO A 154 19.56 -21.81 36.14
CA PRO A 154 20.37 -21.78 37.36
C PRO A 154 21.82 -21.33 37.11
N PRO A 155 22.48 -20.72 38.09
CA PRO A 155 23.88 -20.29 37.97
C PRO A 155 24.93 -21.38 37.72
N THR A 156 24.60 -22.65 37.93
CA THR A 156 25.57 -23.71 37.67
C THR A 156 25.48 -24.23 36.24
N GLU A 157 24.61 -23.62 35.45
CA GLU A 157 24.48 -23.94 34.04
C GLU A 157 24.90 -22.72 33.25
N LYS A 158 25.78 -22.90 32.27
CA LYS A 158 26.18 -21.80 31.42
C LYS A 158 25.00 -21.41 30.50
N ARG A 159 24.69 -20.12 30.50
CA ARG A 159 23.64 -19.57 29.66
C ARG A 159 24.18 -19.24 28.26
N PHE A 160 23.53 -19.76 27.22
CA PHE A 160 23.84 -19.37 25.85
C PHE A 160 22.67 -18.56 25.29
N VAL A 161 22.91 -17.29 24.97
CA VAL A 161 21.82 -16.41 24.55
C VAL A 161 21.83 -16.09 23.07
N LYS A 162 20.68 -16.23 22.43
CA LYS A 162 20.48 -15.77 21.06
C LYS A 162 19.65 -14.50 21.14
N THR A 163 19.90 -13.56 20.21
CA THR A 163 19.12 -12.33 20.16
C THR A 163 19.35 -11.55 18.88
N HIS A 164 18.30 -10.91 18.40
CA HIS A 164 18.37 -10.02 17.25
C HIS A 164 18.18 -8.57 17.71
N LEU A 165 18.30 -8.37 19.04
CA LEU A 165 18.23 -7.04 19.66
C LEU A 165 19.48 -6.16 19.48
N PRO A 166 19.25 -4.87 19.22
CA PRO A 166 20.32 -3.88 19.20
C PRO A 166 20.93 -3.77 20.58
N LEU A 167 22.17 -3.30 20.69
CA LEU A 167 22.77 -3.14 22.02
C LEU A 167 22.04 -2.08 22.84
N SER A 168 21.46 -1.06 22.19
CA SER A 168 20.83 0.02 22.96
C SER A 168 19.47 -0.35 23.57
N LEU A 169 19.00 -1.57 23.32
CA LEU A 169 17.80 -2.10 23.95
C LEU A 169 18.13 -3.05 25.09
N MET A 170 19.43 -3.26 25.29
CA MET A 170 19.92 -4.16 26.33
C MET A 170 20.77 -3.38 27.33
N PRO A 171 21.16 -4.01 28.44
CA PRO A 171 21.95 -3.31 29.46
C PRO A 171 23.21 -2.70 28.84
N PRO A 172 23.41 -1.41 29.06
CA PRO A 172 24.62 -0.78 28.54
C PRO A 172 25.71 -1.28 29.47
N ASN A 173 26.94 -1.33 28.99
CA ASN A 173 28.03 -1.95 29.73
C ASN A 173 27.79 -3.45 29.98
N MET A 174 26.92 -4.09 29.19
CA MET A 174 26.80 -5.54 29.26
C MET A 174 28.12 -6.26 28.92
N LEU A 175 28.81 -5.78 27.91
CA LEU A 175 30.14 -6.29 27.58
C LEU A 175 31.20 -6.11 28.70
N ASP A 176 30.81 -5.46 29.81
CA ASP A 176 31.62 -5.49 31.02
C ASP A 176 31.55 -6.89 31.61
N THR A 177 30.43 -7.56 31.44
CA THR A 177 30.18 -8.81 32.14
C THR A 177 30.24 -10.01 31.21
N VAL A 178 29.69 -9.86 30.01
CA VAL A 178 29.40 -11.00 29.13
C VAL A 178 30.23 -10.96 27.85
N LYS A 179 30.40 -12.11 27.19
CA LYS A 179 31.03 -12.17 25.89
C LYS A 179 29.97 -12.24 24.83
N MET A 180 30.22 -11.60 23.68
CA MET A 180 29.27 -11.56 22.59
C MET A 180 29.94 -11.73 21.24
N VAL A 181 29.36 -12.58 20.39
CA VAL A 181 29.76 -12.60 18.99
C VAL A 181 28.64 -11.97 18.15
N TYR A 182 28.96 -10.95 17.39
CA TYR A 182 27.94 -10.32 16.57
C TYR A 182 28.25 -10.55 15.13
N LEU A 183 27.24 -10.97 14.37
CA LEU A 183 27.39 -11.21 12.96
C LEU A 183 26.79 -10.09 12.14
N ALA A 184 27.48 -9.70 11.07
CA ALA A 184 26.90 -8.81 10.06
C ALA A 184 26.99 -9.46 8.66
N ARG A 185 26.26 -8.91 7.69
CA ARG A 185 26.10 -9.51 6.36
C ARG A 185 25.59 -8.48 5.35
N ASP A 186 26.05 -8.57 4.10
CA ASP A 186 25.58 -7.71 3.04
C ASP A 186 24.06 -7.53 3.19
N PRO A 187 23.60 -6.27 3.32
CA PRO A 187 22.20 -5.99 3.58
C PRO A 187 21.33 -6.57 2.47
N ARG A 188 21.81 -6.50 1.23
CA ARG A 188 21.07 -6.99 0.08
C ARG A 188 20.78 -8.50 0.16
N ASP A 189 21.73 -9.27 0.70
CA ASP A 189 21.55 -10.71 0.92
C ASP A 189 20.67 -10.97 2.13
N VAL A 190 20.79 -10.15 3.17
CA VAL A 190 19.96 -10.29 4.35
C VAL A 190 18.51 -10.02 3.99
N ALA A 191 18.31 -9.07 3.07
CA ALA A 191 17.00 -8.76 2.51
C ALA A 191 16.38 -10.01 1.86
N VAL A 192 17.11 -10.64 0.93
CA VAL A 192 16.60 -11.85 0.30
C VAL A 192 16.39 -12.98 1.30
N SER A 193 17.39 -13.26 2.14
CA SER A 193 17.19 -14.30 3.14
C SER A 193 15.97 -13.99 4.00
N SER A 194 15.86 -12.76 4.48
CA SER A 194 14.75 -12.34 5.32
C SER A 194 13.40 -12.45 4.62
N PHE A 195 13.40 -12.17 3.32
CA PHE A 195 12.16 -12.22 2.56
C PHE A 195 11.63 -13.63 2.61
N HIS A 196 12.49 -14.59 2.32
CA HIS A 196 12.14 -16.02 2.33
C HIS A 196 11.73 -16.52 3.71
N HIS A 197 12.44 -16.08 4.73
CA HIS A 197 12.17 -16.47 6.12
C HIS A 197 10.76 -16.01 6.50
N ALA A 198 10.40 -14.81 6.04
CA ALA A 198 9.07 -14.26 6.22
C ALA A 198 8.08 -15.18 5.52
N ARG A 199 8.45 -15.65 4.33
CA ARG A 199 7.63 -16.59 3.59
C ARG A 199 7.48 -17.92 4.35
N LEU A 200 8.59 -18.35 4.94
CA LEU A 200 8.67 -19.57 5.74
C LEU A 200 7.62 -19.66 6.81
N LEU A 201 7.55 -18.62 7.64
CA LEU A 201 6.67 -18.61 8.82
C LEU A 201 5.27 -18.05 8.50
N TYR A 202 5.08 -17.58 7.28
CA TYR A 202 3.82 -16.98 6.84
C TYR A 202 3.65 -15.57 7.39
N LEU A 203 4.75 -14.84 7.46
CA LEU A 203 4.72 -13.47 7.99
C LEU A 203 4.30 -12.48 6.91
N LEU A 204 4.47 -12.88 5.66
CA LEU A 204 4.26 -11.97 4.53
C LEU A 204 2.98 -12.35 3.75
N ASN A 205 2.27 -11.35 3.24
CA ASN A 205 1.09 -11.57 2.40
C ASN A 205 1.50 -12.25 1.10
N LYS A 206 0.91 -13.41 0.83
CA LYS A 206 1.36 -14.23 -0.30
C LYS A 206 1.27 -13.45 -1.62
N GLN A 207 0.56 -12.32 -1.63
CA GLN A 207 0.45 -11.50 -2.86
C GLN A 207 1.58 -10.48 -3.06
N SER A 208 2.40 -10.27 -2.03
CA SER A 208 3.55 -9.37 -2.11
C SER A 208 4.76 -10.06 -2.75
N ASN A 209 5.69 -9.27 -3.27
CA ASN A 209 6.90 -9.84 -3.88
C ASN A 209 8.17 -9.27 -3.27
N PHE A 210 9.33 -9.78 -3.67
CA PHE A 210 10.57 -9.30 -3.07
C PHE A 210 10.80 -7.79 -3.19
N LYS A 211 10.40 -7.18 -4.31
CA LYS A 211 10.55 -5.74 -4.44
C LYS A 211 9.86 -5.06 -3.28
N ASP A 212 8.57 -5.34 -3.15
CA ASP A 212 7.78 -4.89 -2.01
C ASP A 212 8.55 -5.06 -0.70
N PHE A 213 8.98 -6.29 -0.43
CA PHE A 213 9.75 -6.56 0.78
C PHE A 213 10.97 -5.66 0.90
N TRP A 214 11.72 -5.54 -0.20
CA TRP A 214 12.91 -4.70 -0.22
C TRP A 214 12.58 -3.26 0.15
N GLU A 215 11.42 -2.78 -0.29
CA GLU A 215 10.97 -1.43 0.06
C GLU A 215 10.87 -1.26 1.55
N MET A 216 9.99 -2.05 2.14
CA MET A 216 9.83 -2.19 3.57
C MET A 216 11.17 -2.29 4.30
N PHE A 217 12.07 -3.11 3.76
CA PHE A 217 13.35 -3.39 4.39
C PHE A 217 14.30 -2.19 4.50
N HIS A 218 14.77 -1.70 3.36
CA HIS A 218 15.82 -0.69 3.33
C HIS A 218 15.33 0.66 3.84
N ARG A 219 14.00 0.84 3.84
CA ARG A 219 13.34 2.07 4.30
C ARG A 219 13.13 2.06 5.82
N GLY A 220 13.47 0.95 6.46
CA GLY A 220 13.46 0.84 7.91
C GLY A 220 12.15 0.42 8.56
N LEU A 221 11.31 -0.31 7.82
CA LEU A 221 10.01 -0.76 8.30
C LEU A 221 9.87 -2.31 8.36
N TYR A 222 10.98 -3.02 8.54
CA TYR A 222 10.93 -4.43 8.90
C TYR A 222 11.49 -4.72 10.29
N THR A 223 11.13 -5.88 10.83
CA THR A 223 11.52 -6.32 12.17
C THR A 223 12.96 -5.95 12.52
N LEU A 224 13.09 -5.09 13.53
CA LEU A 224 14.38 -4.72 14.13
C LEU A 224 15.30 -3.89 13.21
N THR A 225 14.73 -3.28 12.16
CA THR A 225 15.40 -2.22 11.41
C THR A 225 15.19 -0.90 12.18
N PRO A 226 15.81 0.21 11.79
CA PRO A 226 16.70 0.35 10.64
C PRO A 226 17.90 -0.61 10.67
N TYR A 227 18.24 -1.20 9.52
CA TYR A 227 19.38 -2.15 9.43
C TYR A 227 20.76 -1.57 9.86
N PHE A 228 21.17 -0.45 9.29
CA PHE A 228 22.53 0.04 9.49
C PHE A 228 22.78 0.57 10.90
N GLU A 229 21.70 0.94 11.58
CA GLU A 229 21.80 1.44 12.93
C GLU A 229 22.10 0.26 13.84
N HIS A 230 21.35 -0.82 13.68
CA HIS A 230 21.64 -2.11 14.32
C HIS A 230 23.15 -2.49 14.25
N VAL A 231 23.66 -2.61 13.03
CA VAL A 231 25.07 -2.93 12.81
C VAL A 231 26.02 -1.85 13.39
N LYS A 232 25.65 -0.59 13.24
CA LYS A 232 26.54 0.51 13.67
C LYS A 232 26.77 0.50 15.16
N GLU A 233 25.75 0.09 15.91
CA GLU A 233 25.88 -0.07 17.34
C GLU A 233 26.95 -1.08 17.66
N ALA A 234 26.86 -2.29 17.07
CA ALA A 234 27.81 -3.39 17.31
C ALA A 234 29.23 -3.09 16.79
N TRP A 235 29.32 -2.32 15.70
CA TRP A 235 30.61 -1.95 15.08
C TRP A 235 31.43 -1.07 16.02
N ALA A 236 30.72 -0.14 16.66
CA ALA A 236 31.29 0.83 17.60
C ALA A 236 31.82 0.22 18.91
N LYS A 237 31.50 -1.06 19.16
CA LYS A 237 32.03 -1.77 20.32
C LYS A 237 32.92 -2.93 19.88
N ARG A 238 33.38 -2.88 18.65
CA ARG A 238 34.11 -3.98 18.02
C ARG A 238 35.51 -4.30 18.59
N HIS A 239 36.11 -3.35 19.30
CA HIS A 239 37.47 -3.53 19.86
C HIS A 239 37.44 -3.98 21.31
N ASP A 240 36.26 -3.89 21.93
CA ASP A 240 36.09 -4.41 23.28
C ASP A 240 36.55 -5.85 23.31
N PRO A 241 37.39 -6.21 24.28
CA PRO A 241 37.86 -7.60 24.42
C PRO A 241 36.72 -8.63 24.52
N ASN A 242 35.52 -8.22 24.93
CA ASN A 242 34.37 -9.11 25.09
C ASN A 242 33.43 -9.11 23.89
N MET A 243 33.80 -8.42 22.82
CA MET A 243 32.93 -8.34 21.64
C MET A 243 33.68 -8.87 20.42
N LEU A 244 32.97 -9.66 19.60
CA LEU A 244 33.58 -10.21 18.39
C LEU A 244 32.75 -9.97 17.13
N PHE A 245 33.24 -9.10 16.25
CA PHE A 245 32.48 -8.68 15.08
C PHE A 245 32.89 -9.41 13.81
N LEU A 246 31.97 -10.23 13.30
CA LEU A 246 32.26 -11.11 12.18
C LEU A 246 31.29 -10.86 11.03
N PHE A 247 31.74 -11.18 9.83
CA PHE A 247 30.89 -11.08 8.67
C PHE A 247 30.56 -12.46 8.15
N TYR A 248 29.28 -12.63 7.80
CA TYR A 248 28.80 -13.88 7.25
C TYR A 248 29.70 -14.33 6.13
N GLU A 249 30.05 -13.39 5.27
CA GLU A 249 30.86 -13.63 4.07
C GLU A 249 32.19 -14.30 4.38
N ASP A 250 32.80 -13.91 5.49
CA ASP A 250 34.04 -14.55 5.93
C ASP A 250 33.85 -16.03 6.26
N TYR A 251 32.71 -16.44 6.80
CA TYR A 251 32.46 -17.87 6.99
C TYR A 251 32.60 -18.63 5.65
N LEU A 252 32.16 -18.02 4.55
CA LEU A 252 32.25 -18.64 3.23
C LEU A 252 33.66 -18.62 2.67
N LYS A 253 34.34 -17.50 2.85
CA LYS A 253 35.70 -17.32 2.36
C LYS A 253 36.71 -18.19 3.10
N ASP A 254 36.56 -18.30 4.42
CA ASP A 254 37.61 -18.85 5.28
C ASP A 254 37.04 -19.46 6.56
N LEU A 255 36.34 -20.59 6.42
CA LEU A 255 35.72 -21.19 7.60
C LEU A 255 36.75 -21.60 8.67
N PRO A 256 37.81 -22.36 8.32
CA PRO A 256 38.87 -22.64 9.30
C PRO A 256 39.37 -21.37 10.03
N GLY A 257 39.60 -20.32 9.25
CA GLY A 257 40.09 -19.06 9.77
C GLY A 257 39.16 -18.38 10.75
N SER A 258 37.85 -18.45 10.52
CA SER A 258 36.90 -17.81 11.43
C SER A 258 36.71 -18.61 12.70
N ILE A 259 36.85 -19.93 12.60
CA ILE A 259 36.70 -20.79 13.75
C ILE A 259 37.82 -20.47 14.72
N ALA A 260 39.05 -20.36 14.21
CA ALA A 260 40.21 -20.10 15.05
C ALA A 260 40.05 -18.78 15.79
N ARG A 261 39.47 -17.80 15.10
CA ARG A 261 39.16 -16.52 15.71
C ARG A 261 38.16 -16.67 16.84
N ILE A 262 37.07 -17.43 16.62
CA ILE A 262 36.09 -17.64 17.69
C ILE A 262 36.69 -18.34 18.94
N ALA A 263 37.47 -19.40 18.73
CA ALA A 263 38.13 -20.06 19.84
C ALA A 263 39.06 -19.10 20.60
N ASP A 264 39.87 -18.31 19.88
CA ASP A 264 40.75 -17.30 20.49
C ASP A 264 39.96 -16.34 21.34
N PHE A 265 38.83 -15.88 20.80
CA PHE A 265 37.89 -15.04 21.50
C PHE A 265 37.38 -15.70 22.79
N LEU A 266 36.93 -16.96 22.71
CA LEU A 266 36.41 -17.63 23.90
C LEU A 266 37.49 -18.23 24.81
N GLY A 267 38.74 -17.86 24.58
CA GLY A 267 39.83 -18.39 25.38
C GLY A 267 39.97 -19.89 25.28
N LYS A 268 40.08 -20.40 24.06
CA LYS A 268 40.21 -21.86 23.84
C LYS A 268 41.25 -22.21 22.79
N LYS A 269 41.97 -23.30 23.04
CA LYS A 269 42.94 -23.80 22.09
C LYS A 269 42.31 -24.91 21.23
N LEU A 270 42.31 -24.71 19.91
CA LEU A 270 41.94 -25.78 19.01
C LEU A 270 43.16 -26.23 18.19
N SER A 271 43.32 -27.54 18.09
CA SER A 271 44.33 -28.11 17.22
C SER A 271 43.82 -28.04 15.79
N GLU A 272 44.73 -28.00 14.81
CA GLU A 272 44.33 -27.92 13.39
C GLU A 272 43.19 -28.87 13.04
N GLU A 273 43.26 -30.10 13.56
CA GLU A 273 42.29 -31.15 13.28
C GLU A 273 40.92 -30.88 13.89
N GLN A 274 40.90 -30.36 15.12
CA GLN A 274 39.68 -29.98 15.80
C GLN A 274 38.94 -28.92 15.01
N ILE A 275 39.70 -27.92 14.54
CA ILE A 275 39.13 -26.90 13.66
C ILE A 275 38.59 -27.58 12.42
N GLN A 276 39.38 -28.49 11.84
CA GLN A 276 38.97 -29.19 10.63
C GLN A 276 37.66 -29.98 10.83
N ARG A 277 37.61 -30.76 11.91
CA ARG A 277 36.42 -31.51 12.32
C ARG A 277 35.22 -30.59 12.48
N LEU A 278 35.44 -29.42 13.08
CA LEU A 278 34.45 -28.36 13.20
C LEU A 278 34.06 -27.73 11.85
N SER A 279 35.02 -27.65 10.95
CA SER A 279 34.79 -27.14 9.60
C SER A 279 33.86 -28.06 8.82
N GLU A 280 34.13 -29.36 8.86
CA GLU A 280 33.28 -30.36 8.19
C GLU A 280 31.86 -30.28 8.74
N HIS A 281 31.74 -30.10 10.06
CA HIS A 281 30.45 -30.02 10.73
C HIS A 281 29.52 -28.90 10.23
N LEU A 282 30.10 -27.80 9.75
CA LEU A 282 29.32 -26.65 9.29
C LEU A 282 29.20 -26.60 7.78
N ASN A 283 29.71 -27.64 7.11
CA ASN A 283 29.45 -27.85 5.69
C ASN A 283 27.97 -27.62 5.45
N PHE A 284 27.67 -26.86 4.41
CA PHE A 284 26.28 -26.41 4.25
C PHE A 284 25.26 -27.55 4.13
N GLU A 285 25.54 -28.53 3.29
CA GLU A 285 24.61 -29.62 3.03
C GLU A 285 24.46 -30.52 4.25
N LYS A 286 25.56 -30.72 4.98
CA LYS A 286 25.52 -31.49 6.21
C LYS A 286 24.61 -30.76 7.22
N PHE A 287 25.03 -29.56 7.62
CA PHE A 287 24.26 -28.69 8.52
C PHE A 287 22.75 -28.60 8.18
N LYS A 288 22.46 -28.28 6.92
CA LYS A 288 21.09 -28.20 6.37
C LYS A 288 20.19 -29.42 6.62
N ASN A 289 20.81 -30.61 6.69
CA ASN A 289 20.10 -31.85 6.97
C ASN A 289 20.40 -32.30 8.38
N ASN A 290 20.70 -31.33 9.25
CA ASN A 290 20.93 -31.58 10.66
C ASN A 290 19.64 -31.26 11.41
N GLY A 291 19.01 -32.29 11.94
CA GLY A 291 17.78 -32.09 12.69
C GLY A 291 17.86 -31.14 13.89
N ALA A 292 19.02 -31.05 14.51
CA ALA A 292 19.15 -30.23 15.71
C ALA A 292 19.12 -28.73 15.39
N VAL A 293 19.50 -28.37 14.16
CA VAL A 293 19.60 -26.95 13.80
C VAL A 293 18.68 -26.46 12.68
N ASN A 294 18.00 -27.37 11.95
CA ASN A 294 17.21 -26.89 10.82
C ASN A 294 15.72 -26.62 11.04
N MET A 295 15.25 -26.66 12.29
CA MET A 295 13.82 -26.45 12.62
C MET A 295 12.82 -27.18 11.68
N GLU A 296 13.22 -28.33 11.15
CA GLU A 296 12.32 -29.15 10.40
C GLU A 296 11.40 -29.95 11.34
N ASP A 297 11.68 -29.82 12.65
CA ASP A 297 10.74 -30.27 13.69
C ASP A 297 9.43 -29.49 13.57
N TYR A 298 9.54 -28.21 13.23
CA TYR A 298 8.37 -27.36 13.05
C TYR A 298 7.45 -27.75 11.87
N ARG A 299 8.04 -28.31 10.81
CA ARG A 299 7.25 -28.70 9.64
C ARG A 299 6.21 -29.75 9.99
N GLU A 300 6.61 -30.68 10.87
CA GLU A 300 5.73 -31.70 11.39
C GLU A 300 4.56 -31.09 12.14
N ILE A 301 4.82 -29.98 12.84
CA ILE A 301 3.78 -29.26 13.56
C ILE A 301 2.74 -28.77 12.56
N GLY A 302 3.23 -28.19 11.45
CA GLY A 302 2.39 -27.72 10.36
C GLY A 302 2.51 -26.22 10.15
N ILE A 303 3.54 -25.60 10.70
CA ILE A 303 3.63 -24.15 10.67
C ILE A 303 4.70 -23.58 9.74
N LEU A 304 5.26 -24.42 8.89
CA LEU A 304 6.26 -23.95 7.93
C LEU A 304 5.74 -24.12 6.52
N ALA A 305 5.99 -23.12 5.67
CA ALA A 305 5.47 -23.16 4.29
C ALA A 305 6.25 -24.12 3.40
N ASP A 306 5.53 -24.80 2.49
CA ASP A 306 6.15 -25.53 1.39
C ASP A 306 7.11 -24.61 0.62
N GLY A 307 8.20 -25.15 0.09
CA GLY A 307 9.16 -24.33 -0.62
C GLY A 307 10.26 -23.88 0.31
N GLU A 308 9.89 -23.16 1.36
CA GLU A 308 10.84 -22.54 2.27
C GLU A 308 11.52 -23.50 3.25
N HIS A 309 12.68 -23.09 3.76
CA HIS A 309 13.49 -23.85 4.69
C HIS A 309 14.26 -22.84 5.56
N PHE A 310 14.53 -23.19 6.81
CA PHE A 310 15.29 -22.29 7.68
C PHE A 310 16.75 -22.14 7.20
N ILE A 311 17.33 -23.23 6.71
CA ILE A 311 18.66 -23.24 6.12
C ILE A 311 18.44 -23.43 4.63
N ARG A 312 18.71 -22.38 3.86
CA ARG A 312 18.28 -22.24 2.47
C ARG A 312 19.39 -22.56 1.44
N LYS A 313 20.03 -21.52 0.92
CA LYS A 313 21.06 -21.69 -0.12
C LYS A 313 22.50 -21.58 0.40
N GLY A 314 22.73 -20.70 1.37
CA GLY A 314 24.02 -20.56 2.03
C GLY A 314 25.13 -19.99 1.17
N LYS A 315 24.77 -19.12 0.22
CA LYS A 315 25.75 -18.42 -0.61
C LYS A 315 25.72 -16.90 -0.40
N ALA A 316 26.78 -16.22 -0.87
CA ALA A 316 26.92 -14.77 -0.79
C ALA A 316 26.78 -14.20 -2.19
N GLY A 317 26.14 -13.04 -2.30
CA GLY A 317 26.00 -12.34 -3.56
C GLY A 317 24.85 -12.76 -4.47
N CYS A 318 23.89 -13.52 -3.93
CA CYS A 318 22.77 -14.02 -4.71
C CYS A 318 21.66 -12.95 -4.84
N TRP A 319 21.90 -11.77 -4.28
CA TRP A 319 20.99 -10.64 -4.39
C TRP A 319 20.87 -10.16 -5.84
N ARG A 320 21.94 -10.33 -6.61
CA ARG A 320 21.94 -9.91 -8.01
C ARG A 320 20.84 -10.62 -8.78
N ASP A 321 20.37 -11.74 -8.23
CA ASP A 321 19.33 -12.54 -8.85
C ASP A 321 17.92 -12.04 -8.59
N TYR A 322 17.78 -11.12 -7.64
CA TYR A 322 16.48 -10.62 -7.19
C TYR A 322 16.26 -9.14 -7.47
N PHE A 323 17.36 -8.39 -7.54
CA PHE A 323 17.34 -6.95 -7.78
C PHE A 323 17.33 -6.61 -9.25
N ASP A 324 16.44 -5.72 -9.65
CA ASP A 324 16.46 -5.20 -11.02
C ASP A 324 17.34 -3.97 -11.11
N GLU A 325 17.55 -3.48 -12.33
CA GLU A 325 18.34 -2.27 -12.58
C GLU A 325 17.99 -1.15 -11.60
N GLU A 326 16.72 -0.73 -11.57
CA GLU A 326 16.26 0.34 -10.66
C GLU A 326 16.52 0.03 -9.19
N MET A 327 16.21 -1.20 -8.76
CA MET A 327 16.46 -1.63 -7.38
C MET A 327 17.93 -1.57 -7.01
N THR A 328 18.79 -1.97 -7.96
CA THR A 328 20.23 -2.06 -7.76
C THR A 328 20.85 -0.67 -7.50
N LYS A 329 20.33 0.34 -8.17
CA LYS A 329 20.81 1.71 -7.98
C LYS A 329 20.42 2.21 -6.59
N GLN A 330 19.15 2.07 -6.28
CA GLN A 330 18.59 2.39 -4.97
C GLN A 330 19.42 1.80 -3.81
N ALA A 331 19.76 0.52 -3.89
CA ALA A 331 20.53 -0.13 -2.86
C ALA A 331 21.91 0.50 -2.74
N GLU A 332 22.49 0.85 -3.90
CA GLU A 332 23.83 1.43 -3.96
C GLU A 332 23.89 2.82 -3.33
N LYS A 333 22.82 3.58 -3.49
CA LYS A 333 22.69 4.89 -2.87
C LYS A 333 22.43 4.77 -1.36
N TRP A 334 21.65 3.77 -0.97
CA TRP A 334 21.36 3.56 0.44
C TRP A 334 22.60 3.11 1.24
N ILE A 335 23.30 2.08 0.74
CA ILE A 335 24.57 1.64 1.33
C ILE A 335 25.66 2.75 1.28
N LYS A 336 25.67 3.52 0.20
CA LYS A 336 26.58 4.65 0.02
C LYS A 336 26.37 5.70 1.12
N ASP A 337 25.11 6.02 1.39
CA ASP A 337 24.79 7.05 2.37
C ASP A 337 25.09 6.61 3.78
N ASN A 338 24.86 5.33 4.07
CA ASN A 338 25.06 4.82 5.42
C ASN A 338 26.51 4.49 5.79
N LEU A 339 27.39 4.51 4.79
CA LEU A 339 28.81 4.21 4.99
C LEU A 339 29.66 5.46 4.84
N LYS A 340 29.07 6.51 4.28
CA LYS A 340 29.59 7.88 4.34
C LYS A 340 30.01 8.22 5.77
N ASP A 341 31.22 8.77 5.91
CA ASP A 341 31.73 9.20 7.23
C ASP A 341 31.75 8.14 8.36
N THR A 342 32.12 6.91 8.01
CA THR A 342 32.31 5.76 8.92
C THR A 342 33.39 4.84 8.33
N ASP A 343 34.02 4.02 9.17
CA ASP A 343 35.03 3.08 8.67
C ASP A 343 34.49 1.65 8.41
N LEU A 344 33.20 1.43 8.63
CA LEU A 344 32.56 0.16 8.33
C LEU A 344 32.62 -0.16 6.83
N ARG A 345 33.19 -1.32 6.51
CA ARG A 345 33.24 -1.82 5.16
C ARG A 345 32.89 -3.29 5.23
N TYR A 346 32.05 -3.71 4.29
CA TYR A 346 31.78 -5.13 4.07
C TYR A 346 32.85 -5.69 3.12
N PRO A 347 33.52 -6.77 3.54
CA PRO A 347 34.65 -7.31 2.79
C PRO A 347 34.25 -7.72 1.38
N ASN A 348 32.97 -8.02 1.18
CA ASN A 348 32.45 -8.46 -0.12
C ASN A 348 32.46 -7.34 -1.19
N MET A 349 32.02 -6.14 -0.80
CA MET A 349 31.85 -5.00 -1.74
C MET A 349 33.16 -4.31 -2.10
N ASP B 6 -17.22 9.12 -42.59
CA ASP B 6 -18.59 9.09 -42.00
C ASP B 6 -18.91 10.38 -41.21
N LEU B 7 -20.13 10.91 -41.43
CA LEU B 7 -20.80 11.97 -40.62
C LEU B 7 -19.93 13.16 -40.14
N PRO B 8 -20.13 14.32 -40.75
CA PRO B 8 -19.40 15.53 -40.35
C PRO B 8 -19.85 16.07 -38.98
N PHE B 9 -18.88 16.49 -38.17
CA PHE B 9 -19.15 17.08 -36.87
C PHE B 9 -19.91 18.39 -37.03
N PRO B 10 -21.18 18.43 -36.61
CA PRO B 10 -22.05 19.58 -36.88
C PRO B 10 -21.84 20.78 -35.96
N TYR B 11 -20.89 20.75 -35.02
CA TYR B 11 -20.75 21.85 -34.06
C TYR B 11 -19.53 22.75 -34.26
N GLU B 12 -19.77 24.05 -34.07
CA GLU B 12 -18.75 25.08 -34.13
C GLU B 12 -18.23 25.34 -32.72
N PHE B 13 -17.05 25.92 -32.59
CA PHE B 13 -16.58 26.31 -31.25
C PHE B 13 -16.23 27.79 -31.17
N ARG B 14 -16.49 28.40 -30.02
CA ARG B 14 -16.10 29.79 -29.81
C ARG B 14 -15.16 29.97 -28.63
N GLU B 15 -14.24 30.92 -28.76
CA GLU B 15 -13.48 31.39 -27.62
C GLU B 15 -14.46 32.03 -26.67
N LEU B 16 -14.05 32.15 -25.42
CA LEU B 16 -14.81 32.91 -24.46
C LEU B 16 -14.59 34.40 -24.75
N ASN B 17 -15.60 35.22 -24.48
CA ASN B 17 -15.43 36.66 -24.64
C ASN B 17 -14.63 37.28 -23.47
N PRO B 18 -14.22 38.55 -23.57
CA PRO B 18 -13.38 39.19 -22.53
C PRO B 18 -13.98 39.08 -21.14
N GLU B 19 -15.30 38.97 -21.07
CA GLU B 19 -16.02 38.89 -19.82
C GLU B 19 -15.79 37.53 -19.21
N GLU B 20 -16.36 36.53 -19.88
CA GLU B 20 -16.30 35.15 -19.47
C GLU B 20 -14.86 34.77 -19.13
N ASP B 21 -13.95 35.09 -20.05
CA ASP B 21 -12.51 34.91 -19.86
C ASP B 21 -11.95 35.53 -18.57
N LYS B 22 -12.34 36.77 -18.29
CA LYS B 22 -11.85 37.46 -17.10
C LYS B 22 -12.24 36.68 -15.84
N LEU B 23 -13.46 36.15 -15.85
CA LEU B 23 -13.98 35.38 -14.71
C LEU B 23 -13.32 34.01 -14.60
N VAL B 24 -13.39 33.18 -15.63
CA VAL B 24 -12.69 31.89 -15.62
C VAL B 24 -11.25 32.10 -15.20
N LYS B 25 -10.59 33.06 -15.84
CA LYS B 25 -9.18 33.35 -15.58
C LYS B 25 -8.87 33.63 -14.12
N ALA B 26 -9.77 34.31 -13.44
CA ALA B 26 -9.58 34.64 -12.04
C ALA B 26 -9.70 33.41 -11.12
N ASN B 27 -10.43 32.39 -11.56
CA ASN B 27 -10.68 31.24 -10.69
C ASN B 27 -9.84 29.98 -10.98
N LEU B 28 -9.51 29.76 -12.26
CA LEU B 28 -8.78 28.57 -12.73
C LEU B 28 -7.58 28.92 -13.62
N GLY B 29 -7.11 30.17 -13.54
CA GLY B 29 -6.09 30.67 -14.43
C GLY B 29 -4.78 29.91 -14.38
N ALA B 30 -4.35 29.58 -13.15
CA ALA B 30 -3.06 28.93 -12.91
C ALA B 30 -2.93 27.57 -13.60
N PHE B 31 -4.05 26.88 -13.73
CA PHE B 31 -4.07 25.59 -14.41
C PHE B 31 -3.88 25.73 -15.92
N PRO B 32 -2.86 25.06 -16.47
CA PRO B 32 -2.46 25.23 -17.87
C PRO B 32 -3.61 25.11 -18.87
N THR B 33 -4.42 24.06 -18.83
CA THR B 33 -5.49 23.88 -19.82
C THR B 33 -6.52 24.98 -19.78
N THR B 34 -6.80 25.55 -20.97
CA THR B 34 -7.87 26.51 -21.20
C THR B 34 -9.14 25.84 -21.77
N TYR B 35 -10.22 26.62 -21.84
CA TYR B 35 -11.54 26.17 -22.27
C TYR B 35 -11.94 26.72 -23.63
N VAL B 36 -13.04 26.19 -24.15
CA VAL B 36 -13.68 26.70 -25.34
C VAL B 36 -15.18 26.38 -25.13
N LYS B 37 -16.09 27.15 -25.74
CA LYS B 37 -17.50 26.80 -25.64
C LYS B 37 -17.81 26.05 -26.91
N LEU B 38 -18.42 24.89 -26.76
CA LEU B 38 -18.61 24.03 -27.92
C LEU B 38 -20.09 23.78 -28.17
N GLY B 39 -20.48 24.02 -29.41
CA GLY B 39 -21.84 23.74 -29.87
C GLY B 39 -22.76 24.87 -29.53
N PRO B 40 -24.03 24.76 -29.97
CA PRO B 40 -25.01 25.85 -29.87
C PRO B 40 -25.52 26.09 -28.46
N LYS B 41 -25.25 25.15 -27.54
CA LYS B 41 -25.65 25.26 -26.14
C LYS B 41 -24.50 25.78 -25.28
N GLY B 42 -23.30 25.80 -25.85
CA GLY B 42 -22.13 26.46 -25.27
C GLY B 42 -21.44 25.65 -24.20
N TYR B 43 -21.37 24.33 -24.38
CA TYR B 43 -20.75 23.48 -23.38
C TYR B 43 -19.28 23.84 -23.26
N MET B 44 -18.84 24.01 -22.02
CA MET B 44 -17.46 24.27 -21.72
C MET B 44 -16.73 22.96 -21.91
N VAL B 45 -15.65 23.00 -22.68
CA VAL B 45 -14.79 21.84 -22.90
C VAL B 45 -13.37 22.35 -22.90
N TYR B 46 -12.48 21.62 -22.26
CA TYR B 46 -11.06 21.91 -22.37
C TYR B 46 -10.64 21.81 -23.83
N ARG B 47 -10.00 22.86 -24.33
CA ARG B 47 -9.47 22.88 -25.70
C ARG B 47 -9.00 21.51 -26.28
N PRO B 48 -8.18 20.73 -25.55
CA PRO B 48 -7.75 19.44 -26.09
C PRO B 48 -8.92 18.53 -26.47
N TYR B 49 -10.17 18.87 -26.09
CA TYR B 49 -11.31 18.02 -26.45
C TYR B 49 -11.60 18.09 -27.92
N LEU B 50 -11.28 19.23 -28.52
CA LEU B 50 -11.62 19.49 -29.92
C LEU B 50 -11.04 18.47 -30.86
N LYS B 51 -9.77 18.11 -30.66
CA LYS B 51 -9.08 17.16 -31.55
C LYS B 51 -9.75 15.78 -31.63
N ASP B 52 -10.54 15.41 -30.62
CA ASP B 52 -11.30 14.15 -30.63
C ASP B 52 -12.81 14.26 -30.84
N ALA B 53 -13.34 15.49 -30.86
CA ALA B 53 -14.78 15.69 -30.81
C ALA B 53 -15.51 15.01 -31.98
N ALA B 54 -15.01 15.19 -33.20
CA ALA B 54 -15.59 14.52 -34.37
C ALA B 54 -15.55 13.00 -34.26
N ASN B 55 -14.51 12.44 -33.60
CA ASN B 55 -14.41 10.99 -33.38
C ASN B 55 -15.38 10.40 -32.33
N ILE B 56 -15.52 11.08 -31.19
CA ILE B 56 -16.51 10.65 -30.18
C ILE B 56 -17.93 10.74 -30.76
N TYR B 57 -18.18 11.81 -31.51
CA TYR B 57 -19.47 12.01 -32.16
C TYR B 57 -19.76 10.88 -33.14
N ASN B 58 -18.70 10.29 -33.71
CA ASN B 58 -18.86 9.23 -34.69
C ASN B 58 -18.46 7.83 -34.23
N MET B 59 -18.12 7.69 -32.94
CA MET B 59 -17.56 6.43 -32.46
C MET B 59 -18.50 5.23 -32.71
N PRO B 60 -17.96 4.16 -33.31
CA PRO B 60 -18.68 2.89 -33.44
C PRO B 60 -19.12 2.36 -32.08
N LEU B 61 -20.38 1.95 -32.01
CA LEU B 61 -20.95 1.43 -30.79
C LEU B 61 -21.31 -0.05 -30.89
N ARG B 62 -21.49 -0.68 -29.73
CA ARG B 62 -21.74 -2.12 -29.66
C ARG B 62 -22.94 -2.47 -28.77
N PRO B 63 -23.76 -3.45 -29.20
CA PRO B 63 -24.88 -3.98 -28.40
C PRO B 63 -24.58 -4.18 -26.91
N THR B 64 -23.38 -4.68 -26.58
CA THR B 64 -23.02 -4.98 -25.19
C THR B 64 -22.38 -3.82 -24.42
N ASP B 65 -22.22 -2.66 -25.08
CA ASP B 65 -21.65 -1.49 -24.41
C ASP B 65 -22.60 -0.98 -23.35
N VAL B 66 -22.06 -0.71 -22.17
CA VAL B 66 -22.83 -0.03 -21.13
C VAL B 66 -22.13 1.26 -20.75
N PHE B 67 -22.92 2.33 -20.67
CA PHE B 67 -22.45 3.67 -20.37
C PHE B 67 -22.98 4.13 -19.03
N VAL B 68 -22.07 4.74 -18.26
CA VAL B 68 -22.46 5.44 -17.03
C VAL B 68 -22.16 6.93 -17.22
N ALA B 69 -23.21 7.74 -17.13
CA ALA B 69 -23.13 9.13 -17.51
C ALA B 69 -23.70 10.05 -16.45
N SER B 70 -23.07 11.20 -16.33
CA SER B 70 -23.45 12.17 -15.33
C SER B 70 -22.78 13.48 -15.68
N TYR B 71 -23.37 14.58 -15.21
CA TYR B 71 -22.56 15.73 -14.93
C TYR B 71 -21.74 15.31 -13.73
N GLN B 72 -20.44 15.57 -13.76
CA GLN B 72 -19.53 15.13 -12.70
C GLN B 72 -20.04 15.39 -11.25
N ARG B 73 -19.57 14.55 -10.33
CA ARG B 73 -19.88 14.67 -8.89
C ARG B 73 -21.35 14.46 -8.56
N SER B 74 -22.01 13.63 -9.37
CA SER B 74 -23.42 13.29 -9.23
C SER B 74 -23.62 11.83 -8.84
N GLY B 75 -22.56 11.06 -8.76
CA GLY B 75 -22.67 9.69 -8.28
C GLY B 75 -22.25 8.68 -9.31
N THR B 76 -21.40 9.12 -10.22
CA THR B 76 -20.75 8.24 -11.18
C THR B 76 -20.12 7.01 -10.53
N THR B 77 -19.29 7.21 -9.50
CA THR B 77 -18.46 6.14 -8.93
C THR B 77 -19.25 4.96 -8.32
N MET B 78 -20.22 5.28 -7.47
CA MET B 78 -21.19 4.31 -7.01
C MET B 78 -21.81 3.58 -8.20
N THR B 79 -22.33 4.36 -9.13
CA THR B 79 -23.12 3.77 -10.19
C THR B 79 -22.25 2.76 -10.96
N GLN B 80 -20.99 3.11 -11.17
CA GLN B 80 -20.07 2.31 -11.95
C GLN B 80 -19.85 0.96 -11.29
N GLU B 81 -19.70 1.00 -9.97
CA GLU B 81 -19.46 -0.17 -9.12
C GLU B 81 -20.66 -1.11 -9.10
N LEU B 82 -21.85 -0.54 -8.94
CA LEU B 82 -23.08 -1.31 -8.97
C LEU B 82 -23.24 -1.97 -10.34
N VAL B 83 -23.13 -1.18 -11.41
CA VAL B 83 -23.29 -1.68 -12.78
C VAL B 83 -22.25 -2.75 -13.08
N TRP B 84 -21.00 -2.49 -12.70
CA TRP B 84 -19.91 -3.45 -12.93
C TRP B 84 -20.18 -4.78 -12.26
N LEU B 85 -20.40 -4.74 -10.95
CA LEU B 85 -20.72 -5.94 -10.19
C LEU B 85 -21.94 -6.71 -10.68
N ILE B 86 -23.07 -6.01 -10.89
CA ILE B 86 -24.29 -6.65 -11.37
C ILE B 86 -24.01 -7.34 -12.68
N GLU B 87 -23.36 -6.63 -13.61
CA GLU B 87 -23.02 -7.23 -14.90
C GLU B 87 -22.11 -8.42 -14.78
N ASN B 88 -21.22 -8.41 -13.80
CA ASN B 88 -20.27 -9.50 -13.63
C ASN B 88 -20.68 -10.55 -12.61
N ASP B 89 -22.00 -10.74 -12.47
CA ASP B 89 -22.62 -11.69 -11.54
C ASP B 89 -22.05 -11.59 -10.13
N LEU B 90 -22.04 -10.37 -9.60
CA LEU B 90 -21.65 -10.09 -8.23
C LEU B 90 -20.34 -10.77 -7.82
N ASN B 91 -19.38 -10.76 -8.74
CA ASN B 91 -18.04 -11.23 -8.46
C ASN B 91 -17.28 -10.11 -7.79
N PHE B 92 -17.43 -10.01 -6.48
CA PHE B 92 -16.82 -8.95 -5.66
C PHE B 92 -15.31 -9.02 -5.65
N GLU B 93 -14.80 -10.22 -5.88
CA GLU B 93 -13.38 -10.46 -6.00
C GLU B 93 -12.80 -9.74 -7.21
N ALA B 94 -13.31 -10.06 -8.40
CA ALA B 94 -12.80 -9.50 -9.65
C ALA B 94 -12.85 -7.98 -9.68
N ALA B 95 -13.75 -7.41 -8.86
CA ALA B 95 -13.97 -5.96 -8.75
C ALA B 95 -12.93 -5.26 -7.86
N LYS B 96 -12.00 -6.05 -7.33
CA LYS B 96 -10.90 -5.54 -6.52
C LYS B 96 -9.81 -4.87 -7.37
N THR B 97 -9.94 -4.95 -8.70
CA THR B 97 -9.10 -4.13 -9.58
C THR B 97 -9.60 -2.68 -9.59
N TYR B 98 -8.69 -1.76 -9.92
CA TYR B 98 -8.99 -0.35 -10.03
C TYR B 98 -10.10 -0.05 -11.04
N MET B 99 -11.02 0.84 -10.63
CA MET B 99 -12.10 1.33 -11.47
C MET B 99 -11.56 1.87 -12.78
N SER B 100 -10.40 2.56 -12.74
CA SER B 100 -9.74 3.09 -13.96
C SER B 100 -9.49 2.04 -15.03
N LEU B 101 -9.31 0.79 -14.58
CA LEU B 101 -8.95 -0.32 -15.45
C LEU B 101 -10.17 -1.14 -15.83
N ARG B 102 -11.30 -0.83 -15.21
CA ARG B 102 -12.54 -1.55 -15.49
C ARG B 102 -13.40 -0.71 -16.41
N TYR B 103 -13.26 0.61 -16.33
CA TYR B 103 -14.03 1.52 -17.16
C TYR B 103 -13.12 2.35 -18.02
N ILE B 104 -13.57 2.70 -19.22
CA ILE B 104 -12.85 3.66 -20.03
C ILE B 104 -13.52 5.02 -19.90
N TYR B 105 -12.76 6.00 -19.40
CA TYR B 105 -13.24 7.35 -19.17
C TYR B 105 -13.16 8.12 -20.48
N LEU B 106 -14.21 7.98 -21.29
CA LEU B 106 -14.35 8.61 -22.60
C LEU B 106 -13.73 10.00 -22.76
N ASP B 107 -14.05 10.91 -21.84
CA ASP B 107 -13.60 12.31 -21.97
C ASP B 107 -12.54 12.74 -20.95
N GLY B 108 -11.96 11.77 -20.25
CA GLY B 108 -10.95 12.05 -19.24
C GLY B 108 -9.74 12.68 -19.86
N PHE B 109 -9.45 12.30 -21.09
CA PHE B 109 -8.26 12.79 -21.81
C PHE B 109 -8.12 14.30 -21.92
N MET B 110 -9.24 15.02 -21.87
CA MET B 110 -9.29 16.40 -22.37
C MET B 110 -8.62 17.42 -21.45
N ILE B 111 -8.35 17.01 -20.20
CA ILE B 111 -7.89 17.95 -19.18
C ILE B 111 -6.38 18.20 -19.26
N TYR B 112 -5.74 17.50 -20.18
CA TYR B 112 -4.29 17.55 -20.35
C TYR B 112 -3.94 17.89 -21.79
N ASP B 113 -3.21 18.99 -21.96
CA ASP B 113 -2.67 19.39 -23.28
C ASP B 113 -1.16 19.08 -23.31
N PRO B 114 -0.73 18.08 -24.09
CA PRO B 114 0.69 17.66 -24.11
C PRO B 114 1.62 18.75 -24.55
N GLU B 115 1.08 19.76 -25.22
CA GLU B 115 1.85 20.93 -25.61
C GLU B 115 2.35 21.66 -24.37
N LYS B 116 1.61 21.55 -23.27
CA LYS B 116 2.09 22.17 -22.04
C LYS B 116 2.50 21.17 -20.95
N GLN B 117 3.01 20.00 -21.35
CA GLN B 117 3.53 19.04 -20.37
C GLN B 117 4.29 19.73 -19.22
N GLU B 118 5.30 20.54 -19.57
CA GLU B 118 6.15 21.25 -18.60
C GLU B 118 5.42 22.01 -17.49
N GLU B 119 4.26 22.56 -17.83
CA GLU B 119 3.50 23.44 -16.94
C GLU B 119 2.67 22.74 -15.84
N TYR B 120 2.43 21.42 -15.96
CA TYR B 120 1.53 20.80 -15.01
C TYR B 120 2.14 20.49 -13.65
N ASN B 121 3.44 20.26 -13.55
CA ASN B 121 3.98 20.08 -12.20
C ASN B 121 4.23 21.39 -11.45
N ASP B 122 4.21 22.52 -12.14
CA ASP B 122 4.37 23.83 -11.48
C ASP B 122 3.23 24.13 -10.49
N ILE B 123 2.04 23.56 -10.73
CA ILE B 123 0.82 23.81 -9.93
C ILE B 123 0.80 23.05 -8.61
N LEU B 124 1.74 22.11 -8.45
CA LEU B 124 1.90 21.32 -7.22
C LEU B 124 2.71 22.10 -6.20
N PRO B 125 2.43 21.88 -4.92
CA PRO B 125 3.25 22.43 -3.84
C PRO B 125 4.64 21.83 -3.86
N ASN B 126 4.75 20.57 -4.25
CA ASN B 126 6.02 19.86 -4.13
C ASN B 126 6.36 18.98 -5.35
N PRO B 127 6.72 19.58 -6.50
CA PRO B 127 7.02 18.80 -7.73
C PRO B 127 8.21 17.83 -7.59
N GLU B 128 9.15 18.18 -6.70
CA GLU B 128 10.35 17.39 -6.41
C GLU B 128 10.08 16.04 -5.69
N ASN B 129 8.86 15.85 -5.20
CA ASN B 129 8.48 14.58 -4.57
C ASN B 129 7.65 13.71 -5.49
N LEU B 130 7.51 14.13 -6.74
CA LEU B 130 6.75 13.37 -7.69
C LEU B 130 7.41 12.02 -7.96
N ASP B 131 6.56 11.01 -8.13
CA ASP B 131 7.00 9.75 -8.69
C ASP B 131 6.94 9.94 -10.19
N MET B 132 8.08 10.21 -10.79
CA MET B 132 8.10 10.58 -12.20
C MET B 132 7.60 9.47 -13.10
N GLU B 133 8.09 8.25 -12.92
CA GLU B 133 7.66 7.12 -13.76
C GLU B 133 6.14 7.04 -13.85
N ARG B 134 5.47 7.08 -12.69
CA ARG B 134 4.04 6.97 -12.63
C ARG B 134 3.37 8.25 -13.09
N TYR B 135 3.94 9.39 -12.74
CA TYR B 135 3.37 10.66 -13.12
C TYR B 135 3.47 10.88 -14.62
N LEU B 136 4.61 10.49 -15.22
CA LEU B 136 4.75 10.61 -16.66
C LEU B 136 3.86 9.57 -17.37
N GLY B 137 3.67 8.44 -16.68
CA GLY B 137 2.79 7.38 -17.10
C GLY B 137 1.39 7.92 -17.18
N LEU B 138 0.95 8.67 -16.16
CA LEU B 138 -0.42 9.19 -16.17
C LEU B 138 -0.58 10.17 -17.32
N LEU B 139 0.39 11.09 -17.46
CA LEU B 139 0.37 12.09 -18.52
C LEU B 139 0.19 11.41 -19.87
N GLU B 140 0.98 10.37 -20.09
CA GLU B 140 0.92 9.63 -21.34
C GLU B 140 -0.45 9.01 -21.57
N TYR B 141 -0.99 8.35 -20.55
CA TYR B 141 -2.30 7.72 -20.66
C TYR B 141 -3.34 8.78 -21.01
N SER B 142 -3.28 9.94 -20.34
CA SER B 142 -4.17 11.06 -20.57
C SER B 142 -4.10 11.68 -21.98
N SER B 143 -3.06 11.33 -22.73
CA SER B 143 -2.90 11.83 -24.10
C SER B 143 -3.64 10.98 -25.13
N ARG B 144 -4.12 9.81 -24.72
CA ARG B 144 -4.83 8.94 -25.63
C ARG B 144 -6.30 9.37 -25.68
N PRO B 145 -6.76 9.88 -26.83
CA PRO B 145 -8.19 10.11 -27.05
C PRO B 145 -9.04 8.92 -26.55
N GLY B 146 -10.21 9.23 -26.01
CA GLY B 146 -11.11 8.20 -25.49
C GLY B 146 -11.55 7.27 -26.60
N SER B 147 -12.00 7.86 -27.71
CA SER B 147 -12.46 7.11 -28.87
C SER B 147 -11.55 5.92 -29.21
N SER B 148 -10.24 6.08 -28.98
CA SER B 148 -9.23 5.08 -29.31
C SER B 148 -9.20 3.99 -28.28
N LEU B 149 -9.38 4.37 -27.01
CA LEU B 149 -9.29 3.37 -25.95
C LEU B 149 -10.45 2.39 -26.12
N LEU B 150 -11.66 2.95 -26.23
CA LEU B 150 -12.83 2.24 -26.71
C LEU B 150 -12.56 1.29 -27.88
N ALA B 151 -11.96 1.80 -28.95
CA ALA B 151 -11.82 1.03 -30.19
C ALA B 151 -10.93 -0.19 -29.98
N ALA B 152 -10.10 -0.12 -28.93
CA ALA B 152 -9.04 -1.11 -28.68
C ALA B 152 -9.54 -2.33 -27.88
N VAL B 153 -10.59 -2.13 -27.10
CA VAL B 153 -11.25 -3.23 -26.41
C VAL B 153 -11.74 -4.18 -27.50
N PRO B 154 -11.31 -5.42 -27.42
CA PRO B 154 -11.73 -6.46 -28.37
C PRO B 154 -13.23 -6.74 -28.26
N PRO B 155 -13.88 -7.13 -29.36
CA PRO B 155 -15.34 -7.40 -29.40
C PRO B 155 -15.92 -8.40 -28.38
N THR B 156 -15.13 -9.33 -27.81
CA THR B 156 -15.62 -10.33 -26.84
C THR B 156 -15.34 -9.97 -25.39
N GLU B 157 -14.87 -8.75 -25.17
CA GLU B 157 -14.82 -8.11 -23.87
C GLU B 157 -15.91 -7.03 -23.84
N LYS B 158 -16.84 -7.13 -22.91
CA LYS B 158 -17.81 -6.06 -22.69
C LYS B 158 -17.10 -4.72 -22.35
N ARG B 159 -17.61 -3.62 -22.91
CA ARG B 159 -17.02 -2.30 -22.76
C ARG B 159 -17.81 -1.46 -21.75
N PHE B 160 -17.16 -1.14 -20.65
CA PHE B 160 -17.77 -0.30 -19.61
C PHE B 160 -17.31 1.16 -19.79
N VAL B 161 -18.22 2.06 -20.18
CA VAL B 161 -17.81 3.43 -20.44
C VAL B 161 -18.27 4.42 -19.36
N LYS B 162 -17.31 5.19 -18.85
CA LYS B 162 -17.55 6.35 -17.98
C LYS B 162 -17.50 7.61 -18.81
N THR B 163 -18.42 8.52 -18.60
CA THR B 163 -18.36 9.81 -19.28
C THR B 163 -19.18 10.90 -18.60
N HIS B 164 -18.76 12.14 -18.85
CA HIS B 164 -19.43 13.34 -18.36
C HIS B 164 -19.93 14.19 -19.52
N LEU B 165 -19.72 13.72 -20.76
CA LEU B 165 -20.26 14.36 -21.96
C LEU B 165 -21.78 14.31 -22.00
N PRO B 166 -22.37 15.38 -22.52
CA PRO B 166 -23.81 15.37 -22.79
C PRO B 166 -24.08 14.51 -24.03
N LEU B 167 -25.35 14.21 -24.27
CA LEU B 167 -25.72 13.29 -25.33
C LEU B 167 -25.45 13.89 -26.71
N SER B 168 -25.64 15.20 -26.86
CA SER B 168 -25.46 15.87 -28.14
C SER B 168 -24.04 15.91 -28.69
N LEU B 169 -23.04 15.55 -27.88
CA LEU B 169 -21.64 15.48 -28.31
C LEU B 169 -21.22 14.05 -28.61
N MET B 170 -22.17 13.12 -28.45
CA MET B 170 -21.98 11.69 -28.66
C MET B 170 -22.97 11.24 -29.78
N PRO B 171 -22.78 10.04 -30.35
CA PRO B 171 -23.57 9.66 -31.52
C PRO B 171 -25.03 9.89 -31.25
N PRO B 172 -25.75 10.57 -32.15
CA PRO B 172 -27.19 10.69 -31.99
C PRO B 172 -27.72 9.28 -32.17
N ASN B 173 -28.85 8.94 -31.54
CA ASN B 173 -29.37 7.57 -31.65
C ASN B 173 -28.46 6.51 -30.99
N MET B 174 -27.49 6.90 -30.17
CA MET B 174 -26.68 5.89 -29.49
C MET B 174 -27.53 4.92 -28.67
N LEU B 175 -28.63 5.42 -28.12
CA LEU B 175 -29.56 4.59 -27.33
C LEU B 175 -30.35 3.54 -28.14
N ASP B 176 -30.09 3.44 -29.43
CA ASP B 176 -30.57 2.31 -30.20
C ASP B 176 -29.64 1.11 -29.98
N THR B 177 -28.37 1.40 -29.70
CA THR B 177 -27.37 0.35 -29.58
C THR B 177 -27.02 0.05 -28.11
N VAL B 178 -26.71 1.09 -27.32
CA VAL B 178 -26.10 0.92 -25.98
C VAL B 178 -27.01 1.30 -24.79
N LYS B 179 -26.82 0.66 -23.63
CA LYS B 179 -27.49 1.13 -22.42
C LYS B 179 -26.66 2.18 -21.72
N MET B 180 -27.36 3.12 -21.10
CA MET B 180 -26.77 4.18 -20.30
C MET B 180 -27.52 4.32 -18.99
N VAL B 181 -26.77 4.36 -17.90
CA VAL B 181 -27.35 4.85 -16.65
C VAL B 181 -26.90 6.28 -16.49
N TYR B 182 -27.82 7.20 -16.29
CA TYR B 182 -27.46 8.60 -16.09
C TYR B 182 -27.82 9.06 -14.72
N LEU B 183 -26.87 9.71 -14.07
CA LEU B 183 -27.10 10.24 -12.73
C LEU B 183 -27.16 11.78 -12.69
N ALA B 184 -28.22 12.30 -12.07
CA ALA B 184 -28.37 13.72 -11.76
C ALA B 184 -28.34 13.93 -10.23
N ARG B 185 -27.95 15.13 -9.81
CA ARG B 185 -27.89 15.50 -8.40
C ARG B 185 -28.18 16.99 -8.20
N ASP B 186 -28.70 17.37 -7.04
CA ASP B 186 -28.99 18.77 -6.75
C ASP B 186 -27.76 19.64 -7.16
N PRO B 187 -27.97 20.64 -8.04
CA PRO B 187 -26.87 21.42 -8.58
C PRO B 187 -26.07 22.05 -7.46
N ARG B 188 -26.73 22.49 -6.41
CA ARG B 188 -26.02 23.15 -5.33
C ARG B 188 -25.01 22.23 -4.66
N ASP B 189 -25.34 20.94 -4.58
CA ASP B 189 -24.43 19.99 -3.96
C ASP B 189 -23.36 19.63 -4.97
N VAL B 190 -23.74 19.57 -6.23
CA VAL B 190 -22.81 19.31 -7.33
C VAL B 190 -21.75 20.41 -7.37
N ALA B 191 -22.18 21.66 -7.12
CA ALA B 191 -21.30 22.81 -6.99
C ALA B 191 -20.25 22.64 -5.88
N VAL B 192 -20.69 22.25 -4.69
CA VAL B 192 -19.79 22.03 -3.56
C VAL B 192 -18.87 20.83 -3.76
N SER B 193 -19.41 19.70 -4.17
CA SER B 193 -18.53 18.57 -4.42
C SER B 193 -17.52 18.95 -5.49
N SER B 194 -17.99 19.67 -6.50
CA SER B 194 -17.16 20.02 -7.63
C SER B 194 -16.08 21.02 -7.25
N PHE B 195 -16.42 21.91 -6.31
CA PHE B 195 -15.47 22.90 -5.83
C PHE B 195 -14.33 22.17 -5.16
N HIS B 196 -14.65 21.17 -4.34
CA HIS B 196 -13.65 20.43 -3.58
C HIS B 196 -12.85 19.55 -4.50
N HIS B 197 -13.51 19.02 -5.52
CA HIS B 197 -12.86 18.18 -6.51
C HIS B 197 -11.81 18.97 -7.28
N ALA B 198 -12.20 20.20 -7.67
CA ALA B 198 -11.30 21.16 -8.31
C ALA B 198 -10.16 21.49 -7.35
N ARG B 199 -10.40 21.35 -6.06
CA ARG B 199 -9.34 21.60 -5.11
C ARG B 199 -8.40 20.39 -5.05
N LEU B 200 -8.97 19.18 -5.11
CA LEU B 200 -8.24 17.92 -5.00
C LEU B 200 -7.14 17.77 -6.03
N LEU B 201 -7.49 18.11 -7.28
CA LEU B 201 -6.57 17.94 -8.40
C LEU B 201 -5.69 19.14 -8.62
N TYR B 202 -5.92 20.20 -7.85
CA TYR B 202 -5.23 21.47 -8.03
C TYR B 202 -5.68 22.22 -9.31
N LEU B 203 -6.96 22.10 -9.65
CA LEU B 203 -7.47 22.80 -10.82
C LEU B 203 -7.74 24.26 -10.52
N LEU B 204 -8.06 24.54 -9.27
CA LEU B 204 -8.58 25.85 -8.89
C LEU B 204 -7.47 26.68 -8.23
N ASN B 205 -7.54 28.00 -8.38
CA ASN B 205 -6.56 28.90 -7.81
C ASN B 205 -6.66 28.88 -6.30
N LYS B 206 -5.54 28.63 -5.64
CA LYS B 206 -5.53 28.56 -4.18
C LYS B 206 -6.22 29.76 -3.55
N GLN B 207 -6.18 30.93 -4.20
CA GLN B 207 -6.74 32.18 -3.62
C GLN B 207 -8.27 32.38 -3.81
N SER B 208 -8.86 31.64 -4.75
CA SER B 208 -10.31 31.65 -4.97
C SER B 208 -11.07 30.86 -3.88
N ASN B 209 -12.36 31.15 -3.74
CA ASN B 209 -13.21 30.44 -2.77
C ASN B 209 -14.50 29.85 -3.36
N PHE B 210 -15.32 29.22 -2.52
CA PHE B 210 -16.55 28.64 -3.05
C PHE B 210 -17.48 29.65 -3.75
N LYS B 211 -17.58 30.87 -3.22
CA LYS B 211 -18.46 31.87 -3.83
C LYS B 211 -18.07 32.12 -5.26
N ASP B 212 -16.77 32.35 -5.49
CA ASP B 212 -16.22 32.58 -6.84
C ASP B 212 -16.53 31.39 -7.73
N PHE B 213 -16.45 30.20 -7.15
CA PHE B 213 -16.67 29.01 -7.91
C PHE B 213 -18.13 28.88 -8.30
N TRP B 214 -19.01 29.06 -7.33
CA TRP B 214 -20.45 29.04 -7.59
C TRP B 214 -20.83 30.01 -8.72
N GLU B 215 -20.11 31.13 -8.82
CA GLU B 215 -20.36 32.14 -9.86
C GLU B 215 -20.11 31.53 -11.23
N MET B 216 -18.96 30.90 -11.37
CA MET B 216 -18.53 30.22 -12.57
C MET B 216 -19.48 29.09 -12.94
N PHE B 217 -19.92 28.36 -11.93
CA PHE B 217 -20.67 27.14 -12.15
C PHE B 217 -22.13 27.38 -12.58
N HIS B 218 -22.85 28.25 -11.89
CA HIS B 218 -24.24 28.41 -12.25
C HIS B 218 -24.34 29.26 -13.52
N ARG B 219 -23.33 30.07 -13.78
CA ARG B 219 -23.26 30.97 -14.94
C ARG B 219 -22.95 30.24 -16.28
N GLY B 220 -22.55 28.98 -16.19
CA GLY B 220 -22.27 28.18 -17.38
C GLY B 220 -20.84 28.34 -17.84
N LEU B 221 -19.92 28.42 -16.88
CA LEU B 221 -18.52 28.68 -17.18
C LEU B 221 -17.56 27.76 -16.41
N TYR B 222 -18.05 26.58 -16.00
CA TYR B 222 -17.18 25.49 -15.54
C TYR B 222 -17.31 24.26 -16.44
N THR B 223 -16.38 23.32 -16.26
CA THR B 223 -16.30 22.12 -17.09
C THR B 223 -17.68 21.53 -17.33
N LEU B 224 -18.04 21.44 -18.60
CA LEU B 224 -19.19 20.67 -19.06
C LEU B 224 -20.57 21.22 -18.71
N THR B 225 -20.59 22.37 -18.02
CA THR B 225 -21.79 23.22 -17.97
C THR B 225 -22.06 23.83 -19.38
N PRO B 226 -23.21 24.45 -19.62
CA PRO B 226 -24.22 24.77 -18.60
C PRO B 226 -24.82 23.52 -17.98
N TYR B 227 -24.82 23.48 -16.64
CA TYR B 227 -25.39 22.35 -15.87
C TYR B 227 -26.77 21.84 -16.34
N PHE B 228 -27.76 22.73 -16.46
CA PHE B 228 -29.12 22.30 -16.69
C PHE B 228 -29.35 21.68 -18.10
N GLU B 229 -28.64 22.18 -19.11
CA GLU B 229 -28.74 21.66 -20.46
C GLU B 229 -28.29 20.21 -20.52
N HIS B 230 -27.19 19.92 -19.82
CA HIS B 230 -26.68 18.57 -19.63
C HIS B 230 -27.74 17.60 -19.14
N VAL B 231 -28.32 17.90 -17.99
CA VAL B 231 -29.36 17.05 -17.40
C VAL B 231 -30.59 16.93 -18.33
N LYS B 232 -30.99 18.07 -18.90
CA LYS B 232 -32.24 18.14 -19.65
C LYS B 232 -32.20 17.17 -20.80
N GLU B 233 -31.00 16.96 -21.32
CA GLU B 233 -30.78 16.09 -22.44
C GLU B 233 -31.08 14.68 -22.00
N ALA B 234 -30.38 14.20 -20.98
CA ALA B 234 -30.66 12.87 -20.42
C ALA B 234 -32.12 12.69 -20.03
N TRP B 235 -32.76 13.78 -19.54
CA TRP B 235 -34.13 13.75 -19.02
C TRP B 235 -35.19 13.50 -20.09
N ALA B 236 -34.98 14.09 -21.27
CA ALA B 236 -35.88 13.88 -22.41
C ALA B 236 -35.84 12.43 -22.92
N LYS B 237 -34.72 11.73 -22.70
CA LYS B 237 -34.64 10.33 -23.12
C LYS B 237 -34.90 9.37 -21.96
N ARG B 238 -35.54 9.89 -20.92
CA ARG B 238 -35.77 9.17 -19.66
C ARG B 238 -36.66 7.93 -19.82
N HIS B 239 -37.53 7.95 -20.83
CA HIS B 239 -38.44 6.84 -21.10
C HIS B 239 -37.91 5.82 -22.09
N ASP B 240 -36.74 6.10 -22.66
CA ASP B 240 -36.14 5.16 -23.60
C ASP B 240 -35.77 3.87 -22.87
N PRO B 241 -36.18 2.72 -23.41
CA PRO B 241 -35.82 1.44 -22.81
C PRO B 241 -34.35 1.39 -22.43
N ASN B 242 -33.47 2.00 -23.22
CA ASN B 242 -32.03 1.92 -22.97
C ASN B 242 -31.43 3.04 -22.12
N MET B 243 -32.28 3.87 -21.53
CA MET B 243 -31.82 4.95 -20.67
C MET B 243 -32.41 4.75 -19.30
N LEU B 244 -31.54 4.89 -18.30
CA LEU B 244 -31.93 4.83 -16.89
C LEU B 244 -31.50 6.12 -16.15
N PHE B 245 -32.46 7.03 -15.94
CA PHE B 245 -32.20 8.31 -15.28
C PHE B 245 -32.43 8.17 -13.77
N LEU B 246 -31.36 8.32 -12.98
CA LEU B 246 -31.42 8.22 -11.51
C LEU B 246 -30.92 9.47 -10.80
N PHE B 247 -31.45 9.73 -9.61
CA PHE B 247 -31.00 10.84 -8.78
C PHE B 247 -30.12 10.36 -7.63
N TYR B 248 -28.99 11.03 -7.43
CA TYR B 248 -28.07 10.74 -6.33
C TYR B 248 -28.79 10.62 -4.99
N GLU B 249 -29.68 11.57 -4.72
CA GLU B 249 -30.44 11.63 -3.48
C GLU B 249 -31.17 10.31 -3.16
N ASP B 250 -31.67 9.65 -4.21
CA ASP B 250 -32.29 8.33 -4.06
C ASP B 250 -31.35 7.23 -3.52
N TYR B 251 -30.08 7.22 -3.95
CA TYR B 251 -29.08 6.30 -3.38
C TYR B 251 -29.00 6.43 -1.86
N LEU B 252 -29.27 7.61 -1.33
CA LEU B 252 -29.28 7.83 0.12
C LEU B 252 -30.64 7.53 0.73
N LYS B 253 -31.70 7.97 0.04
CA LYS B 253 -33.08 7.69 0.44
C LYS B 253 -33.39 6.18 0.43
N ASP B 254 -33.16 5.52 -0.69
CA ASP B 254 -33.51 4.09 -0.85
C ASP B 254 -32.50 3.38 -1.74
N LEU B 255 -31.36 3.06 -1.13
CA LEU B 255 -30.29 2.39 -1.86
C LEU B 255 -30.78 1.06 -2.45
N PRO B 256 -31.33 0.16 -1.61
CA PRO B 256 -31.85 -1.12 -2.11
C PRO B 256 -32.76 -0.91 -3.32
N GLY B 257 -33.71 0.01 -3.18
CA GLY B 257 -34.60 0.38 -4.26
C GLY B 257 -33.88 0.73 -5.55
N SER B 258 -32.78 1.48 -5.45
CA SER B 258 -32.03 1.87 -6.65
C SER B 258 -31.24 0.72 -7.23
N ILE B 259 -30.69 -0.13 -6.39
CA ILE B 259 -29.92 -1.27 -6.87
C ILE B 259 -30.84 -2.20 -7.67
N ALA B 260 -32.06 -2.41 -7.18
CA ALA B 260 -33.05 -3.24 -7.89
C ALA B 260 -33.40 -2.66 -9.28
N ARG B 261 -33.60 -1.35 -9.36
CA ARG B 261 -33.88 -0.70 -10.63
C ARG B 261 -32.74 -0.85 -11.63
N ILE B 262 -31.50 -0.67 -11.18
CA ILE B 262 -30.31 -0.85 -12.03
C ILE B 262 -30.26 -2.29 -12.51
N ALA B 263 -30.31 -3.21 -11.55
CA ALA B 263 -30.33 -4.65 -11.80
C ALA B 263 -31.28 -5.01 -12.91
N ASP B 264 -32.51 -4.50 -12.83
CA ASP B 264 -33.55 -4.79 -13.81
C ASP B 264 -33.27 -4.19 -15.17
N PHE B 265 -32.79 -2.94 -15.16
CA PHE B 265 -32.31 -2.25 -16.36
C PHE B 265 -31.31 -3.11 -17.12
N LEU B 266 -30.35 -3.67 -16.40
CA LEU B 266 -29.30 -4.44 -17.05
C LEU B 266 -29.72 -5.88 -17.38
N GLY B 267 -30.91 -6.26 -16.91
CA GLY B 267 -31.51 -7.53 -17.24
C GLY B 267 -31.22 -8.63 -16.25
N LYS B 268 -31.24 -8.31 -14.95
CA LYS B 268 -31.01 -9.32 -13.90
C LYS B 268 -32.09 -9.33 -12.84
N LYS B 269 -32.35 -10.51 -12.28
CA LYS B 269 -33.32 -10.66 -11.22
C LYS B 269 -32.54 -10.97 -9.96
N LEU B 270 -32.13 -9.90 -9.27
CA LEU B 270 -31.44 -10.04 -8.01
C LEU B 270 -32.39 -10.44 -6.87
N SER B 271 -31.93 -11.39 -6.06
CA SER B 271 -32.66 -11.76 -4.87
C SER B 271 -32.46 -10.69 -3.83
N GLU B 272 -33.47 -10.49 -2.99
CA GLU B 272 -33.40 -9.64 -1.80
C GLU B 272 -32.00 -9.52 -1.18
N GLU B 273 -31.33 -10.67 -1.03
CA GLU B 273 -30.05 -10.78 -0.33
C GLU B 273 -28.88 -10.28 -1.17
N GLN B 274 -28.93 -10.56 -2.47
CA GLN B 274 -27.92 -10.07 -3.41
C GLN B 274 -27.91 -8.56 -3.41
N ILE B 275 -29.10 -7.97 -3.31
CA ILE B 275 -29.26 -6.53 -3.16
C ILE B 275 -28.72 -6.06 -1.82
N GLN B 276 -28.91 -6.84 -0.75
CA GLN B 276 -28.35 -6.47 0.55
C GLN B 276 -26.83 -6.42 0.50
N ARG B 277 -26.22 -7.52 0.04
CA ARG B 277 -24.77 -7.68 -0.10
C ARG B 277 -24.25 -6.46 -0.86
N LEU B 278 -25.01 -6.04 -1.85
CA LEU B 278 -24.60 -4.97 -2.74
C LEU B 278 -24.68 -3.61 -2.08
N SER B 279 -25.61 -3.44 -1.15
CA SER B 279 -25.80 -2.18 -0.47
C SER B 279 -24.75 -2.03 0.59
N GLU B 280 -24.48 -3.12 1.31
CA GLU B 280 -23.43 -3.12 2.32
C GLU B 280 -22.14 -2.67 1.64
N HIS B 281 -21.93 -3.16 0.42
CA HIS B 281 -20.77 -2.81 -0.38
C HIS B 281 -20.67 -1.32 -0.71
N LEU B 282 -21.81 -0.63 -0.87
CA LEU B 282 -21.82 0.80 -1.16
C LEU B 282 -21.99 1.66 0.08
N ASN B 283 -21.92 1.03 1.26
CA ASN B 283 -21.76 1.72 2.53
C ASN B 283 -20.67 2.77 2.36
N PHE B 284 -20.99 4.02 2.69
CA PHE B 284 -20.08 5.13 2.42
C PHE B 284 -18.66 4.99 3.02
N GLU B 285 -18.56 4.57 4.28
CA GLU B 285 -17.26 4.42 4.93
C GLU B 285 -16.49 3.31 4.25
N LYS B 286 -17.17 2.23 3.91
CA LYS B 286 -16.57 1.07 3.26
C LYS B 286 -16.09 1.47 1.87
N PHE B 287 -16.94 2.18 1.13
CA PHE B 287 -16.56 2.68 -0.18
C PHE B 287 -15.34 3.61 -0.13
N LYS B 288 -15.45 4.69 0.63
CA LYS B 288 -14.34 5.60 0.92
C LYS B 288 -13.01 4.92 1.24
N ASN B 289 -13.04 3.75 1.85
CA ASN B 289 -11.80 3.06 2.18
C ASN B 289 -11.50 1.94 1.24
N ASN B 290 -12.26 1.86 0.17
CA ASN B 290 -12.01 0.90 -0.86
C ASN B 290 -10.89 1.43 -1.76
N GLY B 291 -9.71 0.80 -1.62
CA GLY B 291 -8.58 1.10 -2.48
C GLY B 291 -8.91 1.08 -3.98
N ALA B 292 -9.88 0.30 -4.42
CA ALA B 292 -10.14 0.16 -5.84
C ALA B 292 -10.99 1.28 -6.42
N VAL B 293 -11.65 2.06 -5.56
CA VAL B 293 -12.53 3.11 -6.05
C VAL B 293 -12.19 4.52 -5.51
N ASN B 294 -11.38 4.60 -4.44
CA ASN B 294 -11.08 5.91 -3.82
C ASN B 294 -9.97 6.74 -4.47
N MET B 295 -9.27 6.19 -5.47
CA MET B 295 -8.19 6.89 -6.19
C MET B 295 -7.04 7.37 -5.30
N GLU B 296 -6.94 6.81 -4.09
CA GLU B 296 -5.87 7.18 -3.16
C GLU B 296 -4.48 6.66 -3.60
N ASP B 297 -4.48 5.83 -4.65
CA ASP B 297 -3.26 5.38 -5.28
C ASP B 297 -2.54 6.60 -5.85
N TYR B 298 -3.31 7.59 -6.33
CA TYR B 298 -2.77 8.86 -6.81
C TYR B 298 -1.95 9.68 -5.79
N ARG B 299 -2.29 9.54 -4.51
CA ARG B 299 -1.64 10.29 -3.45
C ARG B 299 -0.19 9.94 -3.31
N GLU B 300 0.16 8.69 -3.60
CA GLU B 300 1.57 8.28 -3.53
C GLU B 300 2.34 8.81 -4.74
N ILE B 301 1.63 9.06 -5.86
CA ILE B 301 2.22 9.72 -7.02
C ILE B 301 2.72 11.12 -6.64
N GLY B 302 1.82 11.91 -6.03
CA GLY B 302 2.11 13.25 -5.57
C GLY B 302 1.16 14.29 -6.15
N ILE B 303 0.07 13.82 -6.75
CA ILE B 303 -0.81 14.72 -7.48
C ILE B 303 -2.17 15.02 -6.85
N LEU B 304 -2.37 14.61 -5.61
CA LEU B 304 -3.58 15.06 -4.90
C LEU B 304 -3.27 16.01 -3.78
N ALA B 305 -4.20 16.91 -3.49
CA ALA B 305 -4.02 17.87 -2.43
C ALA B 305 -4.31 17.27 -1.05
N ASP B 306 -3.49 17.65 -0.06
CA ASP B 306 -3.79 17.43 1.37
C ASP B 306 -5.16 18.04 1.67
N GLY B 307 -5.98 17.33 2.43
CA GLY B 307 -7.30 17.84 2.76
C GLY B 307 -8.40 17.21 1.94
N GLU B 308 -8.25 17.25 0.62
CA GLU B 308 -9.25 16.71 -0.29
C GLU B 308 -9.17 15.20 -0.53
N HIS B 309 -10.32 14.59 -0.81
CA HIS B 309 -10.40 13.17 -1.11
C HIS B 309 -11.37 13.00 -2.27
N PHE B 310 -11.18 11.97 -3.09
CA PHE B 310 -12.11 11.72 -4.21
C PHE B 310 -13.51 11.38 -3.73
N ILE B 311 -13.59 10.54 -2.69
CA ILE B 311 -14.83 10.21 -2.01
C ILE B 311 -14.85 10.99 -0.68
N ARG B 312 -15.70 12.00 -0.63
CA ARG B 312 -15.64 13.02 0.42
C ARG B 312 -16.60 12.82 1.61
N LYS B 313 -17.77 13.46 1.53
CA LYS B 313 -18.74 13.46 2.65
C LYS B 313 -19.90 12.49 2.40
N GLY B 314 -20.39 12.45 1.16
CA GLY B 314 -21.41 11.51 0.73
C GLY B 314 -22.79 11.79 1.25
N LYS B 315 -23.14 13.07 1.37
CA LYS B 315 -24.40 13.54 1.97
C LYS B 315 -25.15 14.53 1.07
N ALA B 316 -26.48 14.55 1.21
CA ALA B 316 -27.35 15.46 0.49
C ALA B 316 -27.82 16.64 1.36
N GLY B 317 -27.91 17.81 0.74
CA GLY B 317 -28.31 19.02 1.44
C GLY B 317 -27.23 19.82 2.16
N CYS B 318 -25.95 19.48 1.97
CA CYS B 318 -24.87 20.14 2.70
C CYS B 318 -24.47 21.53 2.10
N TRP B 319 -25.04 21.89 0.96
CA TRP B 319 -24.79 23.19 0.34
C TRP B 319 -25.23 24.36 1.22
N ARG B 320 -26.17 24.10 2.13
CA ARG B 320 -26.66 25.13 3.06
C ARG B 320 -25.56 25.66 3.98
N ASP B 321 -24.47 24.89 4.05
CA ASP B 321 -23.27 25.25 4.79
C ASP B 321 -22.30 26.14 4.04
N TYR B 322 -22.51 26.28 2.73
CA TYR B 322 -21.62 27.05 1.87
C TYR B 322 -22.28 28.27 1.24
N PHE B 323 -23.60 28.26 1.13
CA PHE B 323 -24.32 29.36 0.51
C PHE B 323 -24.69 30.36 1.59
N ASP B 324 -24.47 31.63 1.30
CA ASP B 324 -24.96 32.69 2.21
C ASP B 324 -26.40 33.08 1.87
N GLU B 325 -26.90 34.14 2.47
CA GLU B 325 -28.27 34.58 2.17
C GLU B 325 -28.42 34.89 0.68
N GLU B 326 -27.53 35.75 0.15
CA GLU B 326 -27.56 36.21 -1.23
C GLU B 326 -27.36 35.10 -2.24
N MET B 327 -26.46 34.16 -1.95
CA MET B 327 -26.17 33.00 -2.81
C MET B 327 -27.35 32.02 -2.88
N THR B 328 -28.02 31.82 -1.75
CA THR B 328 -29.16 30.91 -1.62
C THR B 328 -30.32 31.39 -2.50
N LYS B 329 -30.62 32.67 -2.42
CA LYS B 329 -31.70 33.26 -3.20
C LYS B 329 -31.39 33.23 -4.71
N GLN B 330 -30.25 33.80 -5.08
CA GLN B 330 -29.66 33.66 -6.42
C GLN B 330 -29.84 32.24 -7.00
N ALA B 331 -29.59 31.22 -6.18
CA ALA B 331 -29.71 29.83 -6.60
C ALA B 331 -31.17 29.46 -6.76
N GLU B 332 -32.01 29.92 -5.82
CA GLU B 332 -33.45 29.62 -5.87
C GLU B 332 -34.01 30.10 -7.20
N LYS B 333 -33.59 31.29 -7.61
CA LYS B 333 -34.05 31.91 -8.83
C LYS B 333 -33.51 31.20 -10.07
N TRP B 334 -32.23 30.82 -10.05
CA TRP B 334 -31.62 30.08 -11.17
C TRP B 334 -32.32 28.72 -11.40
N ILE B 335 -32.51 27.94 -10.33
CA ILE B 335 -33.14 26.63 -10.43
C ILE B 335 -34.58 26.72 -10.95
N LYS B 336 -35.37 27.64 -10.39
CA LYS B 336 -36.73 27.89 -10.83
C LYS B 336 -36.79 28.21 -12.34
N ASP B 337 -35.84 29.02 -12.82
CA ASP B 337 -35.84 29.49 -14.21
C ASP B 337 -35.56 28.39 -15.23
N ASN B 338 -34.74 27.41 -14.85
CA ASN B 338 -34.49 26.27 -15.72
C ASN B 338 -35.55 25.14 -15.62
N LEU B 339 -36.32 25.12 -14.52
CA LEU B 339 -37.39 24.14 -14.34
C LEU B 339 -38.75 24.67 -14.78
N LYS B 340 -38.80 25.95 -15.16
CA LYS B 340 -39.97 26.58 -15.78
C LYS B 340 -40.33 25.86 -17.09
N ASP B 341 -41.62 25.56 -17.26
CA ASP B 341 -42.08 24.78 -18.42
C ASP B 341 -41.20 23.52 -18.64
N THR B 342 -41.40 22.51 -17.78
CA THR B 342 -40.71 21.21 -17.85
C THR B 342 -41.04 20.36 -16.61
N ASP B 343 -41.17 19.06 -16.82
CA ASP B 343 -41.63 18.15 -15.77
C ASP B 343 -40.48 17.59 -14.90
N LEU B 344 -39.24 17.98 -15.22
CA LEU B 344 -38.09 17.66 -14.38
C LEU B 344 -38.23 18.22 -12.96
N ARG B 345 -38.17 17.33 -11.98
CA ARG B 345 -38.18 17.73 -10.57
C ARG B 345 -37.11 16.92 -9.89
N TYR B 346 -36.49 17.49 -8.86
CA TYR B 346 -35.54 16.76 -8.02
C TYR B 346 -36.27 16.24 -6.75
N PRO B 347 -35.87 15.10 -6.21
CA PRO B 347 -36.55 14.55 -5.03
C PRO B 347 -36.30 15.44 -3.80
N ASN B 348 -35.10 16.02 -3.76
CA ASN B 348 -34.61 16.80 -2.63
C ASN B 348 -35.50 18.02 -2.30
N MET B 349 -35.79 18.87 -3.31
CA MET B 349 -36.40 20.20 -3.10
C MET B 349 -37.93 20.23 -3.24
HG EMC C . 25.30 -15.94 -6.40
C1 EMC C . 27.02 -15.25 -7.88
C2 EMC C . 27.10 -13.74 -7.93
CA CA D . -8.41 -19.77 13.93
C15 ANR E . 15.78 -16.09 13.50
C14 ANR E . 14.49 -16.51 13.32
C13 ANR E . 13.74 -17.59 13.81
C20 ANR E . 14.38 -18.88 14.40
C12 ANR E . 12.35 -17.49 13.76
C11 ANR E . 11.35 -18.37 14.16
C10 ANR E . 10.40 -18.03 15.09
C9 ANR E . 9.33 -18.64 15.70
C19 ANR E . 9.51 -19.53 16.97
C8 ANR E . 8.09 -18.39 15.16
C7 ANR E . 6.87 -18.84 15.59
C6 ANR E . 5.47 -18.69 15.44
C1 ANR E . 4.60 -17.78 14.37
C17 ANR E . 4.85 -18.20 12.89
C18 ANR E . 4.71 -16.26 14.59
C2 ANR E . 3.04 -17.82 14.40
C3 ANR E . 2.39 -18.75 15.44
C4 ANR E . 3.40 -19.51 16.32
C5 ANR E . 4.76 -19.49 16.32
C16 ANR E . 5.33 -20.45 17.42
HG EMC F . -26.25 18.63 5.55
C1 EMC F . -27.87 20.08 6.48
C2 EMC F . -29.19 19.97 5.73
CA CA G . 7.75 22.04 -14.73
P1 A3P H . 20.37 -17.84 3.09
O1P A3P H . 21.04 -16.65 2.44
O2P A3P H . 20.77 -19.16 2.47
O3P A3P H . 18.88 -17.63 3.26
P2 A3P H . 20.64 -16.80 10.51
O4P A3P H . 19.17 -16.68 10.20
O5P A3P H . 21.01 -18.04 11.28
O6P A3P H . 21.27 -15.53 11.07
O5' A3P H . 21.31 -17.02 9.04
C5' A3P H . 20.60 -17.73 8.05
C4' A3P H . 21.38 -17.73 6.74
O4' A3P H . 22.60 -18.45 6.96
C3' A3P H . 20.55 -18.51 5.73
O3' A3P H . 20.99 -17.80 4.57
C2' A3P H . 21.22 -19.86 5.58
O2' A3P H . 21.04 -20.56 4.35
C1' A3P H . 22.60 -19.66 6.17
N9 A3P H . 23.28 -20.82 6.77
C8 A3P H . 22.83 -21.61 7.76
N7 A3P H . 23.74 -22.58 8.06
C5 A3P H . 24.79 -22.36 7.24
C6 A3P H . 26.04 -22.95 7.03
N6 A3P H . 26.37 -24.04 7.78
N1 A3P H . 26.89 -22.45 6.09
C2 A3P H . 26.56 -21.37 5.33
N3 A3P H . 25.37 -20.73 5.48
C4 A3P H . 24.47 -21.27 6.46
P1 A3P I . -19.55 14.69 -2.03
O1P A3P I . -20.78 15.56 -1.91
O2P A3P I . -19.26 13.90 -0.78
O3P A3P I . -18.37 15.46 -2.58
P2 A3P I . -18.91 11.20 -8.70
O4P A3P I . -17.62 11.96 -8.76
O5P A3P I . -18.64 9.77 -8.34
O6P A3P I . -19.86 11.36 -9.86
O5' A3P I . -19.75 11.85 -7.47
C5' A3P I . -19.05 12.28 -6.29
C4' A3P I . -19.89 12.30 -5.00
O4' A3P I . -20.44 11.02 -4.68
C3' A3P I . -18.97 12.72 -3.86
O3' A3P I . -19.89 13.58 -3.14
C2' A3P I . -18.83 11.52 -2.97
O2' A3P I . -18.55 11.76 -1.61
C1' A3P I . -19.96 10.59 -3.40
N9 A3P I . -19.79 9.16 -3.17
C8 A3P I . -18.80 8.35 -3.61
N7 A3P I . -19.02 7.08 -3.16
C5 A3P I . -20.17 7.10 -2.44
C6 A3P I . -20.97 6.18 -1.73
N6 A3P I . -20.58 4.88 -1.63
N1 A3P I . -22.11 6.59 -1.12
C2 A3P I . -22.53 7.88 -1.18
N3 A3P I . -21.81 8.81 -1.84
C4 A3P I . -20.60 8.39 -2.49
C15 ANR J . -14.47 12.68 -12.14
C14 ANR J . -13.14 13.01 -12.13
C13 ANR J . -11.96 12.26 -12.06
C20 ANR J . -11.86 10.83 -11.49
C12 ANR J . -10.81 12.88 -12.54
C11 ANR J . -9.49 12.45 -12.64
C10 ANR J . -8.64 12.98 -13.57
C9 ANR J . -7.33 12.83 -13.96
C19 ANR J . -6.90 11.62 -14.85
C8 ANR J . -6.45 13.79 -13.57
C7 ANR J . -5.12 13.90 -13.85
C6 ANR J . -4.08 14.85 -14.00
C1 ANR J . -4.07 16.50 -13.82
C17 ANR J . -4.48 16.94 -12.38
C18 ANR J . -4.79 17.31 -14.91
C2 ANR J . -2.73 17.30 -14.02
C3 ANR J . -1.50 16.48 -14.42
C4 ANR J . -1.75 14.98 -14.55
C5 ANR J . -2.89 14.25 -14.36
C16 ANR J . -2.63 12.74 -14.61
#